data_5WOW
#
_entry.id   5WOW
#
_entity_poly.entity_id   1
_entity_poly.type   'polypeptide(L)'
_entity_poly.pdbx_seq_one_letter_code
;GGVCPKILQRCRRDSDCPGACICRGNGYCGYPYDVPDYA
;
_entity_poly.pdbx_strand_id   A
#
# COMPACT_ATOMS: atom_id res chain seq x y z
N GLY A 1 8.35 5.97 -0.58
CA GLY A 1 7.32 6.94 -0.27
C GLY A 1 6.25 6.32 0.58
N GLY A 2 5.10 6.11 -0.01
CA GLY A 2 4.02 5.46 0.70
C GLY A 2 4.17 3.96 0.61
N VAL A 3 5.32 3.50 1.04
CA VAL A 3 5.71 2.13 1.00
C VAL A 3 5.34 1.44 2.29
N CYS A 4 4.61 0.38 2.17
CA CYS A 4 4.09 -0.33 3.30
C CYS A 4 5.03 -1.43 3.76
N PRO A 5 5.36 -1.47 5.06
CA PRO A 5 6.22 -2.53 5.63
C PRO A 5 5.47 -3.88 5.67
N LYS A 6 4.18 -3.80 5.43
CA LYS A 6 3.29 -4.93 5.43
C LYS A 6 3.39 -5.73 4.13
N ILE A 7 2.51 -6.69 3.98
CA ILE A 7 2.48 -7.58 2.83
C ILE A 7 1.59 -6.96 1.74
N LEU A 8 1.83 -7.37 0.48
CA LEU A 8 1.03 -6.93 -0.66
C LEU A 8 -0.45 -7.24 -0.41
N GLN A 9 -1.26 -6.23 -0.45
CA GLN A 9 -2.64 -6.39 -0.15
C GLN A 9 -3.46 -5.56 -1.12
N ARG A 10 -4.62 -6.07 -1.46
CA ARG A 10 -5.55 -5.41 -2.35
C ARG A 10 -6.25 -4.31 -1.60
N CYS A 11 -6.71 -3.33 -2.29
CA CYS A 11 -7.39 -2.23 -1.68
C CYS A 11 -8.74 -2.06 -2.32
N ARG A 12 -9.76 -1.94 -1.52
CA ARG A 12 -11.07 -1.60 -2.05
C ARG A 12 -11.30 -0.10 -1.79
N ARG A 13 -10.61 0.38 -0.78
CA ARG A 13 -10.59 1.78 -0.40
C ARG A 13 -9.28 2.05 0.35
N ASP A 14 -9.07 3.27 0.78
CA ASP A 14 -7.81 3.64 1.47
C ASP A 14 -7.80 3.15 2.91
N SER A 15 -8.94 3.29 3.59
CA SER A 15 -9.11 2.86 4.99
C SER A 15 -9.01 1.33 5.10
N ASP A 16 -9.07 0.69 3.94
CA ASP A 16 -9.02 -0.76 3.83
C ASP A 16 -7.58 -1.24 3.96
N CYS A 17 -6.68 -0.31 3.80
CA CYS A 17 -5.27 -0.57 3.92
C CYS A 17 -4.78 0.00 5.26
N PRO A 18 -4.51 -0.87 6.24
CA PRO A 18 -4.06 -0.47 7.57
C PRO A 18 -2.69 0.22 7.56
N GLY A 19 -2.55 1.21 8.41
CA GLY A 19 -1.32 1.95 8.51
C GLY A 19 -1.26 3.06 7.50
N ALA A 20 -0.07 3.45 7.10
CA ALA A 20 0.12 4.55 6.14
C ALA A 20 -0.11 4.07 4.71
N CYS A 21 -0.87 3.02 4.60
CA CYS A 21 -1.15 2.42 3.34
C CYS A 21 -2.40 3.00 2.73
N ILE A 22 -2.27 3.48 1.54
CA ILE A 22 -3.40 3.97 0.80
C ILE A 22 -3.64 3.08 -0.39
N CYS A 23 -4.73 3.27 -1.04
CA CYS A 23 -5.10 2.48 -2.19
C CYS A 23 -4.48 3.09 -3.44
N ARG A 24 -4.03 2.26 -4.34
CA ARG A 24 -3.42 2.76 -5.55
C ARG A 24 -4.24 2.31 -6.76
N GLY A 25 -3.99 2.94 -7.90
CA GLY A 25 -4.70 2.64 -9.14
C GLY A 25 -4.46 1.22 -9.64
N ASN A 26 -3.38 0.61 -9.16
CA ASN A 26 -3.03 -0.76 -9.54
C ASN A 26 -4.03 -1.76 -8.94
N GLY A 27 -4.78 -1.32 -7.94
CA GLY A 27 -5.77 -2.18 -7.32
C GLY A 27 -5.27 -2.76 -6.02
N TYR A 28 -4.14 -2.29 -5.58
CA TYR A 28 -3.55 -2.75 -4.36
C TYR A 28 -3.20 -1.57 -3.51
N CYS A 29 -2.81 -1.84 -2.30
CA CYS A 29 -2.41 -0.80 -1.39
C CYS A 29 -1.03 -0.28 -1.79
N GLY A 30 -0.55 0.74 -1.06
CA GLY A 30 0.81 1.24 -1.24
C GLY A 30 1.81 0.11 -1.32
N TYR A 31 2.73 0.23 -2.29
CA TYR A 31 3.72 -0.80 -2.58
C TYR A 31 4.42 -1.26 -1.33
N PRO A 32 4.47 -2.57 -1.11
CA PRO A 32 5.12 -3.14 0.04
C PRO A 32 6.65 -2.97 0.02
N TYR A 33 7.25 -3.14 1.19
CA TYR A 33 8.69 -2.99 1.45
C TYR A 33 9.56 -3.82 0.50
N ASP A 34 9.01 -4.91 0.04
CA ASP A 34 9.69 -5.82 -0.87
C ASP A 34 9.81 -5.25 -2.28
N VAL A 35 9.13 -4.14 -2.54
CA VAL A 35 9.25 -3.44 -3.81
C VAL A 35 10.36 -2.40 -3.66
N PRO A 36 11.58 -2.69 -4.14
CA PRO A 36 12.76 -1.87 -3.88
C PRO A 36 12.84 -0.61 -4.75
N ASP A 37 12.07 -0.57 -5.81
CA ASP A 37 12.11 0.57 -6.72
C ASP A 37 11.10 1.63 -6.34
N TYR A 38 10.36 1.38 -5.29
CA TYR A 38 9.39 2.34 -4.82
C TYR A 38 9.79 2.86 -3.46
N ALA A 39 9.57 4.13 -3.22
CA ALA A 39 9.84 4.76 -1.98
C ALA A 39 8.80 5.83 -1.77
N GLY A 1 5.23 8.75 1.49
CA GLY A 1 4.01 8.48 2.22
C GLY A 1 3.46 7.07 2.04
N GLY A 2 3.34 6.64 0.80
CA GLY A 2 2.76 5.36 0.50
C GLY A 2 3.75 4.23 0.60
N VAL A 3 4.27 4.02 1.79
CA VAL A 3 5.19 2.96 2.07
C VAL A 3 4.59 2.10 3.17
N CYS A 4 4.35 0.87 2.84
CA CYS A 4 3.76 -0.05 3.76
C CYS A 4 4.79 -1.12 4.10
N PRO A 5 5.03 -1.40 5.39
CA PRO A 5 6.02 -2.41 5.82
C PRO A 5 5.62 -3.86 5.46
N LYS A 6 4.38 -4.03 5.04
CA LYS A 6 3.87 -5.32 4.65
C LYS A 6 4.06 -5.58 3.15
N ILE A 7 3.63 -6.74 2.72
CA ILE A 7 3.71 -7.16 1.32
C ILE A 7 2.44 -6.69 0.60
N LEU A 8 2.50 -6.57 -0.75
CA LEU A 8 1.37 -6.13 -1.61
C LEU A 8 0.05 -6.71 -1.16
N GLN A 9 -0.81 -5.83 -0.71
CA GLN A 9 -2.11 -6.19 -0.26
C GLN A 9 -3.10 -5.62 -1.26
N ARG A 10 -4.25 -6.23 -1.37
CA ARG A 10 -5.30 -5.74 -2.24
C ARG A 10 -5.99 -4.58 -1.54
N CYS A 11 -6.62 -3.74 -2.27
CA CYS A 11 -7.29 -2.58 -1.69
C CYS A 11 -8.57 -2.24 -2.41
N ARG A 12 -9.37 -1.45 -1.75
CA ARG A 12 -10.53 -0.81 -2.34
C ARG A 12 -10.47 0.69 -2.05
N ARG A 13 -9.94 1.03 -0.89
CA ARG A 13 -9.70 2.41 -0.49
C ARG A 13 -8.60 2.43 0.55
N ASP A 14 -8.24 3.60 1.00
CA ASP A 14 -7.16 3.78 1.99
C ASP A 14 -7.49 3.10 3.31
N SER A 15 -8.73 3.19 3.75
CA SER A 15 -9.19 2.60 5.00
C SER A 15 -9.17 1.07 4.95
N ASP A 16 -9.02 0.53 3.76
CA ASP A 16 -9.00 -0.90 3.55
C ASP A 16 -7.57 -1.42 3.70
N CYS A 17 -6.64 -0.51 3.71
CA CYS A 17 -5.26 -0.84 3.89
C CYS A 17 -4.82 -0.29 5.24
N PRO A 18 -4.72 -1.16 6.28
CA PRO A 18 -4.33 -0.71 7.62
C PRO A 18 -2.97 -0.04 7.60
N GLY A 19 -2.85 1.00 8.38
CA GLY A 19 -1.64 1.73 8.45
C GLY A 19 -1.70 2.95 7.60
N ALA A 20 -0.55 3.49 7.27
CA ALA A 20 -0.44 4.70 6.46
C ALA A 20 -0.54 4.34 4.98
N CYS A 21 -1.25 3.31 4.70
CA CYS A 21 -1.37 2.80 3.38
C CYS A 21 -2.54 3.42 2.65
N ILE A 22 -2.36 3.60 1.37
CA ILE A 22 -3.43 4.09 0.52
C ILE A 22 -3.65 3.07 -0.57
N CYS A 23 -4.72 3.19 -1.25
CA CYS A 23 -5.07 2.31 -2.32
C CYS A 23 -4.52 2.87 -3.63
N ARG A 24 -3.86 2.05 -4.40
CA ARG A 24 -3.32 2.43 -5.67
C ARG A 24 -4.31 2.07 -6.76
N GLY A 25 -4.17 2.71 -7.90
CA GLY A 25 -5.12 2.59 -8.99
C GLY A 25 -5.28 1.19 -9.55
N ASN A 26 -4.27 0.36 -9.37
CA ASN A 26 -4.30 -1.00 -9.89
C ASN A 26 -5.03 -1.96 -8.96
N GLY A 27 -5.25 -1.55 -7.72
CA GLY A 27 -5.95 -2.40 -6.80
C GLY A 27 -5.09 -2.91 -5.66
N TYR A 28 -3.87 -2.45 -5.60
CA TYR A 28 -2.99 -2.80 -4.50
C TYR A 28 -2.76 -1.61 -3.61
N CYS A 29 -2.32 -1.84 -2.41
CA CYS A 29 -2.09 -0.75 -1.48
C CYS A 29 -0.74 -0.09 -1.76
N GLY A 30 -0.42 0.93 -0.95
CA GLY A 30 0.90 1.59 -1.00
C GLY A 30 2.06 0.61 -1.07
N TYR A 31 3.16 1.07 -1.65
CA TYR A 31 4.31 0.24 -1.93
C TYR A 31 4.90 -0.41 -0.71
N PRO A 32 5.09 -1.73 -0.78
CA PRO A 32 5.79 -2.51 0.24
C PRO A 32 7.15 -1.91 0.65
N TYR A 33 7.68 -2.42 1.75
CA TYR A 33 8.88 -1.91 2.44
C TYR A 33 10.13 -1.90 1.55
N ASP A 34 10.07 -2.57 0.42
CA ASP A 34 11.17 -2.57 -0.52
C ASP A 34 11.34 -1.21 -1.18
N VAL A 35 10.29 -0.41 -1.17
CA VAL A 35 10.38 0.95 -1.68
C VAL A 35 10.11 1.96 -0.53
N PRO A 36 11.12 2.23 0.34
CA PRO A 36 10.96 3.17 1.45
C PRO A 36 11.23 4.59 0.99
N ASP A 37 11.74 4.72 -0.21
CA ASP A 37 12.09 5.99 -0.82
C ASP A 37 10.87 6.67 -1.44
N TYR A 38 9.72 6.06 -1.28
CA TYR A 38 8.51 6.63 -1.80
C TYR A 38 7.89 7.55 -0.75
N ALA A 39 7.12 8.52 -1.19
CA ALA A 39 6.56 9.51 -0.33
C ALA A 39 5.23 9.08 0.22
N GLY A 1 9.57 6.21 0.78
CA GLY A 1 10.23 6.30 2.05
C GLY A 1 9.37 5.64 3.11
N GLY A 2 8.13 6.06 3.13
CA GLY A 2 7.15 5.45 3.99
C GLY A 2 6.55 4.24 3.32
N VAL A 3 7.11 3.09 3.57
CA VAL A 3 6.67 1.87 2.95
C VAL A 3 5.59 1.19 3.76
N CYS A 4 4.80 0.36 3.10
CA CYS A 4 3.78 -0.39 3.77
C CYS A 4 4.44 -1.64 4.40
N PRO A 5 4.24 -1.89 5.72
CA PRO A 5 4.91 -3.00 6.44
C PRO A 5 4.54 -4.39 5.93
N LYS A 6 3.37 -4.52 5.37
CA LYS A 6 2.90 -5.81 4.89
C LYS A 6 3.25 -6.02 3.42
N ILE A 7 2.71 -7.08 2.85
CA ILE A 7 2.92 -7.41 1.46
C ILE A 7 1.86 -6.72 0.58
N LEU A 8 1.75 -7.13 -0.67
CA LEU A 8 0.84 -6.50 -1.60
C LEU A 8 -0.60 -6.90 -1.32
N GLN A 9 -1.27 -6.07 -0.58
CA GLN A 9 -2.68 -6.24 -0.27
C GLN A 9 -3.50 -5.53 -1.35
N ARG A 10 -4.70 -6.02 -1.62
CA ARG A 10 -5.61 -5.36 -2.54
C ARG A 10 -6.38 -4.31 -1.75
N CYS A 11 -6.86 -3.32 -2.42
CA CYS A 11 -7.58 -2.27 -1.74
C CYS A 11 -8.92 -1.98 -2.40
N ARG A 12 -9.96 -1.93 -1.60
CA ARG A 12 -11.27 -1.52 -2.09
C ARG A 12 -11.42 -0.02 -1.88
N ARG A 13 -10.71 0.46 -0.88
CA ARG A 13 -10.66 1.86 -0.50
C ARG A 13 -9.35 2.11 0.22
N ASP A 14 -9.12 3.31 0.66
CA ASP A 14 -7.83 3.65 1.30
C ASP A 14 -7.79 3.19 2.75
N SER A 15 -8.92 3.31 3.44
CA SER A 15 -9.04 2.89 4.84
C SER A 15 -8.88 1.38 4.95
N ASP A 16 -9.04 0.71 3.82
CA ASP A 16 -8.96 -0.73 3.71
C ASP A 16 -7.51 -1.18 3.83
N CYS A 17 -6.60 -0.24 3.61
CA CYS A 17 -5.20 -0.51 3.79
C CYS A 17 -4.80 -0.01 5.17
N PRO A 18 -4.51 -0.93 6.11
CA PRO A 18 -4.16 -0.56 7.49
C PRO A 18 -2.82 0.15 7.60
N GLY A 19 -2.78 1.14 8.46
CA GLY A 19 -1.58 1.90 8.65
C GLY A 19 -1.49 3.02 7.67
N ALA A 20 -0.30 3.53 7.47
CA ALA A 20 -0.09 4.66 6.54
C ALA A 20 -0.01 4.16 5.09
N CYS A 21 -0.67 3.07 4.84
CA CYS A 21 -0.73 2.47 3.55
C CYS A 21 -1.94 3.05 2.85
N ILE A 22 -1.81 3.43 1.60
CA ILE A 22 -2.93 4.01 0.88
C ILE A 22 -3.37 3.06 -0.22
N CYS A 23 -4.42 3.37 -0.90
CA CYS A 23 -4.88 2.54 -1.99
C CYS A 23 -4.22 3.02 -3.28
N ARG A 24 -3.99 2.13 -4.21
CA ARG A 24 -3.42 2.49 -5.49
C ARG A 24 -4.34 2.06 -6.60
N GLY A 25 -4.29 2.78 -7.70
CA GLY A 25 -5.16 2.55 -8.84
C GLY A 25 -4.98 1.19 -9.49
N ASN A 26 -3.83 0.57 -9.27
CA ASN A 26 -3.57 -0.74 -9.82
C ASN A 26 -4.35 -1.82 -9.08
N GLY A 27 -4.88 -1.48 -7.93
CA GLY A 27 -5.70 -2.40 -7.18
C GLY A 27 -5.08 -2.82 -5.89
N TYR A 28 -3.83 -2.49 -5.71
CA TYR A 28 -3.12 -2.87 -4.54
C TYR A 28 -2.92 -1.68 -3.64
N CYS A 29 -2.50 -1.93 -2.44
CA CYS A 29 -2.21 -0.88 -1.53
C CYS A 29 -0.86 -0.25 -1.87
N GLY A 30 -0.57 0.84 -1.19
CA GLY A 30 0.65 1.58 -1.35
C GLY A 30 1.88 0.72 -1.22
N TYR A 31 2.92 1.17 -1.88
CA TYR A 31 4.20 0.46 -2.02
C TYR A 31 4.71 -0.13 -0.70
N PRO A 32 4.70 -1.47 -0.61
CA PRO A 32 5.24 -2.20 0.51
C PRO A 32 6.74 -2.01 0.68
N TYR A 33 7.23 -2.55 1.77
CA TYR A 33 8.64 -2.49 2.18
C TYR A 33 9.62 -2.89 1.10
N ASP A 34 9.19 -3.77 0.21
CA ASP A 34 10.05 -4.27 -0.84
C ASP A 34 10.35 -3.22 -1.91
N VAL A 35 9.61 -2.13 -1.91
CA VAL A 35 9.88 -1.02 -2.83
C VAL A 35 10.27 0.25 -2.01
N PRO A 36 11.51 0.33 -1.51
CA PRO A 36 11.94 1.46 -0.70
C PRO A 36 12.46 2.61 -1.57
N ASP A 37 12.69 2.32 -2.83
CA ASP A 37 13.26 3.30 -3.75
C ASP A 37 12.24 4.33 -4.17
N TYR A 38 10.98 3.97 -4.14
CA TYR A 38 9.95 4.92 -4.51
C TYR A 38 9.25 5.46 -3.28
N ALA A 39 9.30 4.73 -2.24
CA ALA A 39 8.58 5.08 -1.06
C ALA A 39 9.46 5.07 0.15
N GLY A 1 10.70 4.90 2.46
CA GLY A 1 10.16 5.86 3.37
C GLY A 1 8.97 5.29 4.09
N GLY A 2 7.81 5.86 3.86
CA GLY A 2 6.60 5.36 4.48
C GLY A 2 6.08 4.13 3.77
N VAL A 3 6.77 3.04 3.98
CA VAL A 3 6.44 1.80 3.37
C VAL A 3 5.48 1.02 4.24
N CYS A 4 4.67 0.24 3.61
CA CYS A 4 3.78 -0.64 4.32
C CYS A 4 4.54 -1.88 4.77
N PRO A 5 4.47 -2.25 6.07
CA PRO A 5 5.10 -3.49 6.58
C PRO A 5 4.40 -4.73 6.02
N LYS A 6 3.19 -4.52 5.51
CA LYS A 6 2.42 -5.55 4.85
C LYS A 6 2.92 -5.79 3.42
N ILE A 7 2.14 -6.49 2.66
CA ILE A 7 2.48 -6.82 1.29
C ILE A 7 1.52 -6.11 0.34
N LEU A 8 1.59 -6.41 -0.95
CA LEU A 8 0.64 -5.86 -1.90
C LEU A 8 -0.71 -6.54 -1.72
N GLN A 9 -1.47 -6.02 -0.80
CA GLN A 9 -2.82 -6.47 -0.58
C GLN A 9 -3.68 -5.69 -1.54
N ARG A 10 -4.84 -6.18 -1.84
CA ARG A 10 -5.73 -5.44 -2.68
C ARG A 10 -6.42 -4.38 -1.84
N CYS A 11 -6.92 -3.37 -2.46
CA CYS A 11 -7.58 -2.33 -1.71
C CYS A 11 -8.99 -2.16 -2.17
N ARG A 12 -9.92 -2.13 -1.22
CA ARG A 12 -11.32 -1.85 -1.56
C ARG A 12 -11.57 -0.36 -1.37
N ARG A 13 -10.62 0.27 -0.69
CA ARG A 13 -10.58 1.69 -0.43
C ARG A 13 -9.23 1.98 0.21
N ASP A 14 -8.95 3.22 0.52
CA ASP A 14 -7.65 3.59 1.12
C ASP A 14 -7.56 3.10 2.53
N SER A 15 -8.57 3.43 3.31
CA SER A 15 -8.61 3.07 4.73
C SER A 15 -8.69 1.56 4.94
N ASP A 16 -8.97 0.85 3.86
CA ASP A 16 -9.03 -0.61 3.86
C ASP A 16 -7.64 -1.18 4.09
N CYS A 17 -6.65 -0.44 3.66
CA CYS A 17 -5.29 -0.82 3.86
C CYS A 17 -4.83 -0.17 5.18
N PRO A 18 -4.54 -0.97 6.20
CA PRO A 18 -4.17 -0.46 7.53
C PRO A 18 -2.79 0.20 7.54
N GLY A 19 -2.66 1.21 8.36
CA GLY A 19 -1.42 1.90 8.52
C GLY A 19 -1.30 3.03 7.55
N ALA A 20 -0.08 3.35 7.17
CA ALA A 20 0.19 4.46 6.25
C ALA A 20 -0.06 4.02 4.80
N CYS A 21 -0.88 3.02 4.62
CA CYS A 21 -1.16 2.47 3.33
C CYS A 21 -2.34 3.15 2.69
N ILE A 22 -2.20 3.52 1.45
CA ILE A 22 -3.31 4.08 0.71
C ILE A 22 -3.68 3.12 -0.42
N CYS A 23 -4.73 3.39 -1.13
CA CYS A 23 -5.15 2.53 -2.24
C CYS A 23 -4.48 3.04 -3.52
N ARG A 24 -3.94 2.16 -4.30
CA ARG A 24 -3.28 2.56 -5.53
C ARG A 24 -4.13 2.23 -6.75
N GLY A 25 -3.85 2.92 -7.85
CA GLY A 25 -4.59 2.78 -9.09
C GLY A 25 -4.63 1.36 -9.62
N ASN A 26 -3.54 0.64 -9.40
CA ASN A 26 -3.41 -0.76 -9.87
C ASN A 26 -4.37 -1.69 -9.11
N GLY A 27 -4.86 -1.25 -7.97
CA GLY A 27 -5.80 -2.03 -7.22
C GLY A 27 -5.19 -2.62 -5.98
N TYR A 28 -3.96 -2.26 -5.69
CA TYR A 28 -3.26 -2.76 -4.52
C TYR A 28 -3.01 -1.64 -3.54
N CYS A 29 -2.51 -1.98 -2.38
CA CYS A 29 -2.27 -1.02 -1.33
C CYS A 29 -1.00 -0.23 -1.57
N GLY A 30 -0.78 0.74 -0.68
CA GLY A 30 0.41 1.54 -0.64
C GLY A 30 1.68 0.74 -0.70
N TYR A 31 2.72 1.41 -1.10
CA TYR A 31 4.00 0.83 -1.39
C TYR A 31 4.62 0.20 -0.14
N PRO A 32 4.73 -1.13 -0.14
CA PRO A 32 5.28 -1.87 0.98
C PRO A 32 6.82 -1.86 1.02
N TYR A 33 7.33 -2.45 2.08
CA TYR A 33 8.76 -2.53 2.34
C TYR A 33 9.49 -3.32 1.23
N ASP A 34 8.80 -4.28 0.65
CA ASP A 34 9.40 -5.16 -0.36
C ASP A 34 9.54 -4.50 -1.74
N VAL A 35 9.10 -3.27 -1.91
CA VAL A 35 9.34 -2.61 -3.17
C VAL A 35 10.59 -1.73 -3.05
N PRO A 36 11.62 -2.01 -3.84
CA PRO A 36 12.90 -1.28 -3.78
C PRO A 36 12.83 0.12 -4.37
N ASP A 37 11.76 0.43 -5.06
CA ASP A 37 11.64 1.73 -5.73
C ASP A 37 11.08 2.79 -4.79
N TYR A 38 10.56 2.38 -3.68
CA TYR A 38 9.99 3.30 -2.74
C TYR A 38 10.70 3.11 -1.41
N ALA A 39 11.07 4.20 -0.80
CA ALA A 39 11.76 4.17 0.45
C ALA A 39 11.22 5.27 1.33
N GLY A 1 6.66 7.60 -1.03
CA GLY A 1 6.37 7.91 0.36
C GLY A 1 5.26 7.05 0.90
N GLY A 2 4.40 6.58 0.01
CA GLY A 2 3.34 5.69 0.40
C GLY A 2 3.82 4.26 0.43
N VAL A 3 4.83 4.04 1.21
CA VAL A 3 5.46 2.75 1.32
C VAL A 3 5.06 2.13 2.66
N CYS A 4 4.97 0.84 2.68
CA CYS A 4 4.52 0.12 3.83
C CYS A 4 5.53 -0.94 4.25
N PRO A 5 5.55 -1.29 5.56
CA PRO A 5 6.35 -2.42 6.05
C PRO A 5 5.63 -3.75 5.80
N LYS A 6 4.37 -3.63 5.43
CA LYS A 6 3.52 -4.75 5.17
C LYS A 6 3.67 -5.21 3.72
N ILE A 7 2.96 -6.24 3.34
CA ILE A 7 3.04 -6.76 1.99
C ILE A 7 1.90 -6.21 1.14
N LEU A 8 1.93 -6.52 -0.14
CA LEU A 8 0.93 -6.04 -1.10
C LEU A 8 -0.47 -6.56 -0.76
N GLN A 9 -1.27 -5.69 -0.22
CA GLN A 9 -2.64 -5.98 0.06
C GLN A 9 -3.45 -5.37 -1.06
N ARG A 10 -4.57 -5.94 -1.37
CA ARG A 10 -5.47 -5.37 -2.33
C ARG A 10 -6.28 -4.30 -1.63
N CYS A 11 -6.77 -3.34 -2.34
CA CYS A 11 -7.58 -2.35 -1.72
C CYS A 11 -8.94 -2.29 -2.37
N ARG A 12 -9.95 -2.33 -1.55
CA ARG A 12 -11.32 -2.16 -1.98
C ARG A 12 -11.70 -0.70 -1.81
N ARG A 13 -11.04 -0.08 -0.85
CA ARG A 13 -11.11 1.33 -0.59
C ARG A 13 -9.80 1.71 0.02
N ASP A 14 -9.60 2.98 0.23
CA ASP A 14 -8.32 3.49 0.74
C ASP A 14 -8.12 3.19 2.21
N SER A 15 -9.15 3.42 2.99
CA SER A 15 -9.09 3.25 4.43
C SER A 15 -8.93 1.75 4.80
N ASP A 16 -9.12 0.88 3.82
CA ASP A 16 -9.01 -0.56 4.02
C ASP A 16 -7.55 -0.96 4.09
N CYS A 17 -6.68 -0.07 3.64
CA CYS A 17 -5.27 -0.32 3.70
C CYS A 17 -4.74 0.09 5.08
N PRO A 18 -4.22 -0.89 5.84
CA PRO A 18 -3.77 -0.67 7.21
C PRO A 18 -2.48 0.15 7.32
N GLY A 19 -2.43 1.02 8.30
CA GLY A 19 -1.26 1.85 8.55
C GLY A 19 -1.15 2.96 7.54
N ALA A 20 0.07 3.32 7.20
CA ALA A 20 0.31 4.41 6.24
C ALA A 20 0.15 3.91 4.80
N CYS A 21 -0.62 2.89 4.64
CA CYS A 21 -0.86 2.31 3.36
C CYS A 21 -2.05 2.98 2.73
N ILE A 22 -1.85 3.49 1.56
CA ILE A 22 -2.90 4.13 0.82
C ILE A 22 -3.21 3.31 -0.42
N CYS A 23 -4.42 3.36 -0.86
CA CYS A 23 -4.87 2.58 -2.00
C CYS A 23 -4.35 3.21 -3.28
N ARG A 24 -3.79 2.40 -4.15
CA ARG A 24 -3.25 2.86 -5.40
C ARG A 24 -4.11 2.39 -6.57
N GLY A 25 -3.87 2.96 -7.74
CA GLY A 25 -4.69 2.74 -8.92
C GLY A 25 -4.68 1.33 -9.46
N ASN A 26 -3.65 0.56 -9.12
CA ASN A 26 -3.58 -0.83 -9.55
C ASN A 26 -4.56 -1.70 -8.76
N GLY A 27 -5.06 -1.17 -7.67
CA GLY A 27 -6.02 -1.89 -6.87
C GLY A 27 -5.34 -2.53 -5.69
N TYR A 28 -4.14 -2.11 -5.45
CA TYR A 28 -3.36 -2.57 -4.33
C TYR A 28 -3.05 -1.41 -3.44
N CYS A 29 -2.61 -1.71 -2.27
CA CYS A 29 -2.29 -0.71 -1.30
C CYS A 29 -0.87 -0.19 -1.51
N GLY A 30 -0.45 0.66 -0.58
CA GLY A 30 0.89 1.22 -0.54
C GLY A 30 1.98 0.20 -0.80
N TYR A 31 3.07 0.70 -1.31
CA TYR A 31 4.17 -0.09 -1.80
C TYR A 31 4.75 -0.97 -0.69
N PRO A 32 4.67 -2.30 -0.88
CA PRO A 32 5.08 -3.28 0.11
C PRO A 32 6.57 -3.25 0.50
N TYR A 33 6.86 -4.04 1.53
CA TYR A 33 8.18 -4.20 2.14
C TYR A 33 9.28 -4.57 1.12
N ASP A 34 8.90 -5.17 0.00
CA ASP A 34 9.88 -5.56 -1.00
C ASP A 34 10.35 -4.37 -1.83
N VAL A 35 9.53 -3.33 -1.90
CA VAL A 35 9.90 -2.08 -2.55
C VAL A 35 9.93 -0.92 -1.52
N PRO A 36 10.89 -0.92 -0.58
CA PRO A 36 10.88 0.03 0.53
C PRO A 36 11.37 1.42 0.14
N ASP A 37 12.13 1.48 -0.91
CA ASP A 37 12.76 2.70 -1.39
C ASP A 37 11.89 3.43 -2.39
N TYR A 38 10.72 2.91 -2.66
CA TYR A 38 9.88 3.50 -3.67
C TYR A 38 8.66 4.16 -3.05
N ALA A 39 8.57 5.48 -3.25
CA ALA A 39 7.44 6.32 -2.87
C ALA A 39 7.26 6.49 -1.37
N GLY A 1 6.86 -4.59 1.82
CA GLY A 1 6.36 -3.75 2.89
C GLY A 1 7.38 -2.71 3.26
N GLY A 2 7.21 -1.53 2.71
CA GLY A 2 8.20 -0.48 2.90
C GLY A 2 7.99 0.32 4.15
N VAL A 3 6.98 1.15 4.14
CA VAL A 3 6.69 2.01 5.27
C VAL A 3 5.77 1.29 6.20
N CYS A 4 5.01 0.42 5.62
CA CYS A 4 4.15 -0.44 6.36
C CYS A 4 4.94 -1.72 6.62
N PRO A 5 5.13 -2.13 7.89
CA PRO A 5 5.92 -3.32 8.24
C PRO A 5 5.33 -4.63 7.72
N LYS A 6 4.07 -4.61 7.38
CA LYS A 6 3.41 -5.80 6.87
C LYS A 6 3.53 -5.88 5.36
N ILE A 7 3.04 -6.97 4.80
CA ILE A 7 3.16 -7.23 3.38
C ILE A 7 1.97 -6.62 2.65
N LEU A 8 2.21 -6.14 1.43
CA LEU A 8 1.20 -5.54 0.58
C LEU A 8 -0.02 -6.44 0.35
N GLN A 9 -1.13 -5.79 0.15
CA GLN A 9 -2.40 -6.44 -0.09
C GLN A 9 -3.12 -5.64 -1.13
N ARG A 10 -4.22 -6.14 -1.58
CA ARG A 10 -5.06 -5.43 -2.49
C ARG A 10 -6.07 -4.57 -1.73
N CYS A 11 -6.75 -3.70 -2.41
CA CYS A 11 -7.67 -2.79 -1.76
C CYS A 11 -8.84 -2.44 -2.64
N ARG A 12 -9.96 -2.10 -2.02
CA ARG A 12 -11.10 -1.56 -2.75
C ARG A 12 -11.24 -0.07 -2.45
N ARG A 13 -10.64 0.35 -1.35
CA ARG A 13 -10.65 1.74 -0.89
C ARG A 13 -9.40 2.00 -0.08
N ASP A 14 -9.18 3.21 0.36
CA ASP A 14 -7.94 3.54 1.10
C ASP A 14 -7.97 3.03 2.51
N SER A 15 -9.14 3.09 3.12
CA SER A 15 -9.37 2.61 4.48
C SER A 15 -9.18 1.07 4.57
N ASP A 16 -9.09 0.43 3.41
CA ASP A 16 -8.90 -1.03 3.29
C ASP A 16 -7.46 -1.36 3.72
N CYS A 17 -6.60 -0.37 3.57
CA CYS A 17 -5.20 -0.52 3.88
C CYS A 17 -4.92 0.20 5.19
N PRO A 18 -4.70 -0.54 6.29
CA PRO A 18 -4.42 0.07 7.57
C PRO A 18 -2.95 0.47 7.74
N GLY A 19 -2.74 1.68 8.16
CA GLY A 19 -1.42 2.17 8.37
C GLY A 19 -1.04 3.21 7.35
N ALA A 20 0.25 3.39 7.14
CA ALA A 20 0.80 4.37 6.16
C ALA A 20 0.51 3.95 4.70
N CYS A 21 -0.27 2.94 4.59
CA CYS A 21 -0.56 2.30 3.36
C CYS A 21 -1.80 2.93 2.75
N ILE A 22 -1.70 3.40 1.54
CA ILE A 22 -2.87 3.95 0.86
C ILE A 22 -3.19 3.08 -0.36
N CYS A 23 -4.38 3.20 -0.87
CA CYS A 23 -4.83 2.36 -1.95
C CYS A 23 -4.51 2.99 -3.30
N ARG A 24 -3.80 2.27 -4.13
CA ARG A 24 -3.41 2.75 -5.44
C ARG A 24 -4.51 2.39 -6.43
N GLY A 25 -4.51 3.06 -7.58
CA GLY A 25 -5.52 2.85 -8.60
C GLY A 25 -5.53 1.44 -9.16
N ASN A 26 -4.39 0.79 -9.13
CA ASN A 26 -4.23 -0.59 -9.62
C ASN A 26 -4.90 -1.59 -8.69
N GLY A 27 -5.23 -1.14 -7.50
CA GLY A 27 -5.92 -2.00 -6.57
C GLY A 27 -5.02 -2.60 -5.53
N TYR A 28 -3.83 -2.06 -5.39
CA TYR A 28 -2.90 -2.52 -4.38
C TYR A 28 -2.68 -1.46 -3.33
N CYS A 29 -2.39 -1.88 -2.14
CA CYS A 29 -2.13 -0.98 -1.07
C CYS A 29 -0.66 -0.67 -1.04
N GLY A 30 -0.35 0.59 -0.90
CA GLY A 30 1.00 1.04 -0.86
C GLY A 30 1.66 0.80 0.48
N TYR A 31 1.80 -0.47 0.83
CA TYR A 31 2.59 -0.87 1.98
C TYR A 31 4.05 -0.46 1.72
N PRO A 32 4.60 -0.76 0.50
CA PRO A 32 5.86 -0.19 0.08
C PRO A 32 5.60 1.19 -0.55
N TYR A 33 5.27 2.12 0.33
CA TYR A 33 4.88 3.47 -0.05
C TYR A 33 5.95 4.20 -0.87
N ASP A 34 7.19 4.16 -0.44
CA ASP A 34 8.24 4.88 -1.15
C ASP A 34 8.79 4.03 -2.31
N VAL A 35 9.08 2.78 -2.04
CA VAL A 35 9.60 1.89 -3.07
C VAL A 35 8.60 0.76 -3.38
N PRO A 36 7.78 0.92 -4.44
CA PRO A 36 6.70 -0.05 -4.80
C PRO A 36 7.21 -1.43 -5.19
N ASP A 37 8.52 -1.52 -5.39
CA ASP A 37 9.17 -2.77 -5.76
C ASP A 37 9.32 -3.67 -4.56
N TYR A 38 9.22 -3.10 -3.39
CA TYR A 38 9.40 -3.85 -2.17
C TYR A 38 8.02 -4.42 -1.73
N ALA A 39 8.00 -5.26 -0.72
CA ALA A 39 6.73 -5.82 -0.26
C ALA A 39 6.09 -4.97 0.83
N GLY A 1 6.91 6.81 2.54
CA GLY A 1 5.68 7.11 3.20
C GLY A 1 4.97 5.86 3.60
N GLY A 2 3.87 5.61 2.96
CA GLY A 2 3.07 4.46 3.24
C GLY A 2 3.56 3.24 2.51
N VAL A 3 4.69 2.75 2.94
CA VAL A 3 5.27 1.55 2.41
C VAL A 3 4.73 0.39 3.22
N CYS A 4 4.13 -0.57 2.57
CA CYS A 4 3.47 -1.63 3.28
C CYS A 4 4.41 -2.81 3.58
N PRO A 5 4.40 -3.31 4.84
CA PRO A 5 5.20 -4.47 5.23
C PRO A 5 4.71 -5.76 4.55
N LYS A 6 3.46 -5.75 4.15
CA LYS A 6 2.83 -6.90 3.54
C LYS A 6 2.98 -6.86 2.02
N ILE A 7 3.20 -8.00 1.43
CA ILE A 7 3.32 -8.10 -0.01
C ILE A 7 1.97 -8.35 -0.65
N LEU A 8 1.76 -7.73 -1.81
CA LEU A 8 0.55 -7.88 -2.64
C LEU A 8 -0.75 -7.79 -1.83
N GLN A 9 -1.08 -6.60 -1.39
CA GLN A 9 -2.29 -6.41 -0.65
C GLN A 9 -3.23 -5.62 -1.51
N ARG A 10 -4.42 -6.13 -1.70
CA ARG A 10 -5.40 -5.47 -2.54
C ARG A 10 -6.03 -4.36 -1.75
N CYS A 11 -6.59 -3.40 -2.40
CA CYS A 11 -7.25 -2.35 -1.68
C CYS A 11 -8.69 -2.27 -2.08
N ARG A 12 -9.54 -2.22 -1.10
CA ARG A 12 -10.96 -1.99 -1.34
C ARG A 12 -11.13 -0.48 -1.47
N ARG A 13 -10.36 0.20 -0.65
CA ARG A 13 -10.19 1.62 -0.65
C ARG A 13 -8.97 1.90 0.20
N ASP A 14 -8.64 3.14 0.37
CA ASP A 14 -7.48 3.53 1.16
C ASP A 14 -7.66 3.16 2.64
N SER A 15 -8.83 3.39 3.20
CA SER A 15 -9.14 3.07 4.60
C SER A 15 -9.07 1.55 4.87
N ASP A 16 -9.16 0.79 3.80
CA ASP A 16 -9.12 -0.66 3.83
C ASP A 16 -7.70 -1.15 4.06
N CYS A 17 -6.74 -0.32 3.74
CA CYS A 17 -5.37 -0.67 3.94
C CYS A 17 -4.95 -0.10 5.32
N PRO A 18 -4.31 -0.90 6.17
CA PRO A 18 -3.92 -0.48 7.52
C PRO A 18 -2.68 0.40 7.53
N GLY A 19 -2.64 1.33 8.45
CA GLY A 19 -1.49 2.20 8.59
C GLY A 19 -1.46 3.24 7.50
N ALA A 20 -0.29 3.72 7.20
CA ALA A 20 -0.11 4.76 6.18
C ALA A 20 -0.26 4.18 4.76
N CYS A 21 -0.81 3.01 4.67
CA CYS A 21 -1.01 2.35 3.42
C CYS A 21 -2.31 2.80 2.83
N ILE A 22 -2.26 3.35 1.64
CA ILE A 22 -3.46 3.75 0.97
C ILE A 22 -3.66 2.89 -0.27
N CYS A 23 -4.71 3.14 -0.98
CA CYS A 23 -5.05 2.39 -2.19
C CYS A 23 -4.39 3.06 -3.39
N ARG A 24 -3.90 2.27 -4.30
CA ARG A 24 -3.29 2.78 -5.52
C ARG A 24 -4.14 2.40 -6.73
N GLY A 25 -3.89 3.07 -7.84
CA GLY A 25 -4.65 2.90 -9.08
C GLY A 25 -4.59 1.50 -9.64
N ASN A 26 -3.58 0.74 -9.26
CA ASN A 26 -3.44 -0.63 -9.72
C ASN A 26 -4.44 -1.55 -9.04
N GLY A 27 -5.05 -1.10 -7.95
CA GLY A 27 -6.02 -1.91 -7.25
C GLY A 27 -5.42 -2.57 -6.04
N TYR A 28 -4.21 -2.20 -5.73
CA TYR A 28 -3.51 -2.70 -4.59
C TYR A 28 -3.21 -1.56 -3.66
N CYS A 29 -2.80 -1.89 -2.47
CA CYS A 29 -2.46 -0.91 -1.48
C CYS A 29 -1.09 -0.33 -1.77
N GLY A 30 -0.63 0.53 -0.87
CA GLY A 30 0.74 1.03 -0.89
C GLY A 30 1.74 -0.07 -1.17
N TYR A 31 2.75 0.26 -1.89
CA TYR A 31 3.67 -0.71 -2.36
C TYR A 31 4.51 -1.32 -1.22
N PRO A 32 4.66 -2.67 -1.25
CA PRO A 32 5.47 -3.43 -0.28
C PRO A 32 6.92 -2.93 -0.16
N TYR A 33 7.53 -3.28 0.97
CA TYR A 33 8.90 -2.89 1.38
C TYR A 33 10.03 -3.09 0.35
N ASP A 34 9.79 -3.88 -0.69
CA ASP A 34 10.83 -4.14 -1.69
C ASP A 34 11.19 -2.86 -2.44
N VAL A 35 10.25 -1.95 -2.55
CA VAL A 35 10.47 -0.72 -3.25
C VAL A 35 11.18 0.33 -2.34
N PRO A 36 12.39 0.76 -2.71
CA PRO A 36 13.15 1.73 -1.92
C PRO A 36 12.86 3.20 -2.28
N ASP A 37 12.43 3.44 -3.52
CA ASP A 37 12.24 4.80 -4.02
C ASP A 37 10.85 5.32 -3.67
N TYR A 38 10.07 4.46 -3.12
CA TYR A 38 8.75 4.79 -2.66
C TYR A 38 8.83 4.92 -1.16
N ALA A 39 8.24 5.93 -0.62
CA ALA A 39 8.34 6.19 0.75
C ALA A 39 6.96 6.48 1.29
N GLY A 1 6.73 8.46 0.71
CA GLY A 1 7.28 7.55 1.71
C GLY A 1 6.31 6.48 2.15
N GLY A 2 5.52 5.99 1.23
CA GLY A 2 4.54 4.97 1.54
C GLY A 2 5.14 3.58 1.49
N VAL A 3 6.19 3.38 2.23
CA VAL A 3 6.81 2.10 2.31
C VAL A 3 6.28 1.40 3.57
N CYS A 4 5.43 0.44 3.35
CA CYS A 4 4.82 -0.28 4.43
C CYS A 4 5.47 -1.66 4.57
N PRO A 5 5.91 -2.03 5.79
CA PRO A 5 6.49 -3.37 6.08
C PRO A 5 5.47 -4.53 5.88
N LYS A 6 4.21 -4.21 5.73
CA LYS A 6 3.14 -5.20 5.60
C LYS A 6 3.19 -6.02 4.30
N ILE A 7 2.34 -7.04 4.25
CA ILE A 7 2.24 -7.96 3.13
C ILE A 7 1.23 -7.41 2.12
N LEU A 8 1.47 -7.68 0.84
CA LEU A 8 0.62 -7.20 -0.26
C LEU A 8 -0.83 -7.60 -0.09
N GLN A 9 -1.71 -6.69 -0.49
CA GLN A 9 -3.12 -6.86 -0.37
C GLN A 9 -3.76 -5.93 -1.39
N ARG A 10 -4.94 -6.28 -1.85
CA ARG A 10 -5.67 -5.41 -2.73
C ARG A 10 -6.36 -4.35 -1.91
N CYS A 11 -6.77 -3.29 -2.53
CA CYS A 11 -7.40 -2.24 -1.80
C CYS A 11 -8.77 -1.96 -2.32
N ARG A 12 -9.71 -1.90 -1.41
CA ARG A 12 -11.05 -1.49 -1.72
C ARG A 12 -11.06 0.03 -1.72
N ARG A 13 -10.38 0.57 -0.74
CA ARG A 13 -10.20 1.98 -0.56
C ARG A 13 -9.01 2.18 0.34
N ASP A 14 -8.72 3.41 0.70
CA ASP A 14 -7.54 3.71 1.54
C ASP A 14 -7.69 3.14 2.93
N SER A 15 -8.91 3.23 3.44
CA SER A 15 -9.23 2.74 4.78
C SER A 15 -9.13 1.20 4.85
N ASP A 16 -9.06 0.57 3.69
CA ASP A 16 -8.96 -0.89 3.57
C ASP A 16 -7.48 -1.31 3.73
N CYS A 17 -6.61 -0.34 3.65
CA CYS A 17 -5.19 -0.54 3.79
C CYS A 17 -4.78 -0.06 5.19
N PRO A 18 -4.40 -0.98 6.08
CA PRO A 18 -4.06 -0.63 7.46
C PRO A 18 -2.72 0.07 7.59
N GLY A 19 -2.76 1.20 8.22
CA GLY A 19 -1.59 1.98 8.45
C GLY A 19 -1.52 3.13 7.48
N ALA A 20 -0.32 3.66 7.27
CA ALA A 20 -0.09 4.79 6.37
C ALA A 20 -0.10 4.32 4.90
N CYS A 21 -0.68 3.19 4.69
CA CYS A 21 -0.77 2.58 3.41
C CYS A 21 -2.07 3.07 2.76
N ILE A 22 -1.99 3.47 1.53
CA ILE A 22 -3.16 3.98 0.83
C ILE A 22 -3.56 3.01 -0.28
N CYS A 23 -4.61 3.29 -0.97
CA CYS A 23 -5.03 2.46 -2.09
C CYS A 23 -4.36 2.97 -3.36
N ARG A 24 -4.02 2.10 -4.28
CA ARG A 24 -3.43 2.52 -5.53
C ARG A 24 -4.35 2.16 -6.68
N GLY A 25 -4.19 2.85 -7.80
CA GLY A 25 -5.03 2.63 -8.97
C GLY A 25 -4.90 1.24 -9.53
N ASN A 26 -3.75 0.64 -9.32
CA ASN A 26 -3.48 -0.72 -9.75
C ASN A 26 -4.33 -1.75 -9.00
N GLY A 27 -4.92 -1.34 -7.90
CA GLY A 27 -5.80 -2.23 -7.18
C GLY A 27 -5.19 -2.74 -5.91
N TYR A 28 -3.93 -2.45 -5.71
CA TYR A 28 -3.23 -2.87 -4.53
C TYR A 28 -3.00 -1.72 -3.59
N CYS A 29 -2.82 -2.02 -2.34
CA CYS A 29 -2.48 -1.01 -1.37
C CYS A 29 -1.06 -0.55 -1.61
N GLY A 30 -0.79 0.66 -1.20
CA GLY A 30 0.50 1.24 -1.34
C GLY A 30 1.42 0.79 -0.26
N TYR A 31 1.74 -0.47 -0.30
CA TYR A 31 2.72 -1.03 0.58
C TYR A 31 4.14 -0.80 0.04
N PRO A 32 4.41 -1.06 -1.29
CA PRO A 32 5.72 -0.80 -1.87
C PRO A 32 6.01 0.70 -2.01
N TYR A 33 7.28 1.01 -1.89
CA TYR A 33 7.84 2.38 -1.90
C TYR A 33 7.43 3.23 -3.10
N ASP A 34 7.14 2.57 -4.21
CA ASP A 34 6.90 3.21 -5.53
C ASP A 34 5.71 4.19 -5.61
N VAL A 35 5.03 4.45 -4.51
CA VAL A 35 3.95 5.43 -4.46
C VAL A 35 4.47 6.87 -4.75
N PRO A 36 4.10 7.47 -5.90
CA PRO A 36 4.61 8.79 -6.29
C PRO A 36 3.97 9.94 -5.51
N ASP A 37 2.68 9.87 -5.33
CA ASP A 37 1.93 10.93 -4.67
C ASP A 37 1.97 10.81 -3.16
N TYR A 38 2.46 9.70 -2.65
CA TYR A 38 2.56 9.56 -1.21
C TYR A 38 4.02 9.61 -0.78
N ALA A 39 4.88 9.29 -1.71
CA ALA A 39 6.34 9.29 -1.55
C ALA A 39 6.84 8.20 -0.58
N GLY A 1 9.83 6.44 1.73
CA GLY A 1 9.19 7.35 2.65
C GLY A 1 7.98 6.71 3.25
N GLY A 2 6.83 7.07 2.74
CA GLY A 2 5.59 6.49 3.20
C GLY A 2 5.31 5.20 2.48
N VAL A 3 6.23 4.30 2.61
CA VAL A 3 6.18 3.02 1.97
C VAL A 3 5.45 2.04 2.90
N CYS A 4 4.87 1.00 2.35
CA CYS A 4 4.14 0.07 3.15
C CYS A 4 5.00 -1.10 3.61
N PRO A 5 5.06 -1.33 4.94
CA PRO A 5 5.80 -2.45 5.53
C PRO A 5 5.01 -3.76 5.47
N LYS A 6 3.76 -3.64 5.11
CA LYS A 6 2.86 -4.77 5.02
C LYS A 6 3.05 -5.50 3.68
N ILE A 7 2.20 -6.47 3.43
CA ILE A 7 2.24 -7.23 2.21
C ILE A 7 1.35 -6.50 1.19
N LEU A 8 1.46 -6.84 -0.09
CA LEU A 8 0.70 -6.19 -1.12
C LEU A 8 -0.78 -6.62 -1.07
N GLN A 9 -1.51 -5.98 -0.21
CA GLN A 9 -2.92 -6.21 -0.03
C GLN A 9 -3.71 -5.52 -1.13
N ARG A 10 -4.85 -6.06 -1.48
CA ARG A 10 -5.74 -5.43 -2.42
C ARG A 10 -6.53 -4.37 -1.70
N CYS A 11 -6.90 -3.34 -2.38
CA CYS A 11 -7.52 -2.22 -1.71
C CYS A 11 -8.88 -1.92 -2.25
N ARG A 12 -9.80 -1.60 -1.36
CA ARG A 12 -11.12 -1.13 -1.76
C ARG A 12 -11.16 0.38 -1.52
N ARG A 13 -10.33 0.81 -0.58
CA ARG A 13 -10.19 2.20 -0.20
C ARG A 13 -8.92 2.32 0.58
N ASP A 14 -8.59 3.52 0.97
CA ASP A 14 -7.33 3.78 1.70
C ASP A 14 -7.40 3.16 3.09
N SER A 15 -8.52 3.36 3.77
CA SER A 15 -8.74 2.87 5.13
C SER A 15 -8.72 1.32 5.19
N ASP A 16 -8.88 0.69 4.02
CA ASP A 16 -8.89 -0.78 3.94
C ASP A 16 -7.49 -1.31 4.14
N CYS A 17 -6.52 -0.48 3.83
CA CYS A 17 -5.13 -0.86 3.95
C CYS A 17 -4.60 -0.38 5.30
N PRO A 18 -4.15 -1.32 6.18
CA PRO A 18 -3.64 -1.00 7.52
C PRO A 18 -2.50 0.01 7.52
N GLY A 19 -2.58 0.94 8.45
CA GLY A 19 -1.58 1.97 8.57
C GLY A 19 -1.80 3.06 7.57
N ALA A 20 -0.74 3.78 7.27
CA ALA A 20 -0.79 4.93 6.36
C ALA A 20 -0.78 4.47 4.90
N CYS A 21 -1.26 3.29 4.67
CA CYS A 21 -1.30 2.73 3.35
C CYS A 21 -2.57 3.14 2.66
N ILE A 22 -2.45 3.57 1.44
CA ILE A 22 -3.60 4.00 0.70
C ILE A 22 -3.87 3.03 -0.43
N CYS A 23 -4.89 3.28 -1.18
CA CYS A 23 -5.25 2.43 -2.29
C CYS A 23 -4.53 2.97 -3.53
N ARG A 24 -4.01 2.09 -4.35
CA ARG A 24 -3.32 2.52 -5.54
C ARG A 24 -4.05 2.07 -6.78
N GLY A 25 -3.81 2.79 -7.87
CA GLY A 25 -4.50 2.56 -9.14
C GLY A 25 -4.33 1.17 -9.71
N ASN A 26 -3.29 0.48 -9.29
CA ASN A 26 -3.02 -0.87 -9.78
C ASN A 26 -4.03 -1.88 -9.22
N GLY A 27 -4.72 -1.52 -8.15
CA GLY A 27 -5.70 -2.40 -7.55
C GLY A 27 -5.31 -2.83 -6.17
N TYR A 28 -4.06 -2.69 -5.88
CA TYR A 28 -3.54 -3.04 -4.59
C TYR A 28 -3.20 -1.78 -3.81
N CYS A 29 -2.84 -1.96 -2.57
CA CYS A 29 -2.56 -0.86 -1.67
C CYS A 29 -1.22 -0.21 -1.97
N GLY A 30 -0.85 0.73 -1.09
CA GLY A 30 0.44 1.38 -1.14
C GLY A 30 1.56 0.39 -1.31
N TYR A 31 2.49 0.76 -2.13
CA TYR A 31 3.56 -0.12 -2.53
C TYR A 31 4.46 -0.52 -1.37
N PRO A 32 4.68 -1.85 -1.22
CA PRO A 32 5.62 -2.41 -0.25
C PRO A 32 7.09 -2.02 -0.57
N TYR A 33 8.03 -2.50 0.26
CA TYR A 33 9.45 -2.15 0.13
C TYR A 33 10.11 -2.58 -1.18
N ASP A 34 9.45 -3.45 -1.92
CA ASP A 34 10.00 -3.97 -3.17
C ASP A 34 10.24 -2.88 -4.20
N VAL A 35 9.45 -1.82 -4.16
CA VAL A 35 9.62 -0.72 -5.10
C VAL A 35 10.81 0.17 -4.71
N PRO A 36 11.78 0.35 -5.61
CA PRO A 36 12.93 1.21 -5.35
C PRO A 36 12.63 2.67 -5.65
N ASP A 37 11.60 2.89 -6.42
CA ASP A 37 11.22 4.20 -6.94
C ASP A 37 10.28 4.91 -5.98
N TYR A 38 9.97 4.27 -4.90
CA TYR A 38 9.06 4.82 -3.92
C TYR A 38 9.52 4.43 -2.53
N ALA A 39 9.65 5.41 -1.67
CA ALA A 39 10.07 5.21 -0.33
C ALA A 39 9.34 6.22 0.54
N GLY A 1 6.06 7.22 2.06
CA GLY A 1 5.52 6.68 3.29
C GLY A 1 4.85 5.34 3.06
N GLY A 2 4.88 4.89 1.82
CA GLY A 2 4.27 3.65 1.44
C GLY A 2 5.18 2.47 1.66
N VAL A 3 5.68 2.35 2.86
CA VAL A 3 6.49 1.22 3.26
C VAL A 3 5.83 0.63 4.50
N CYS A 4 4.99 -0.32 4.27
CA CYS A 4 4.20 -0.95 5.30
C CYS A 4 4.71 -2.36 5.59
N PRO A 5 4.45 -2.91 6.80
CA PRO A 5 4.87 -4.27 7.18
C PRO A 5 4.17 -5.39 6.36
N LYS A 6 3.02 -5.08 5.78
CA LYS A 6 2.27 -6.06 4.98
C LYS A 6 2.96 -6.30 3.63
N ILE A 7 2.69 -7.43 3.01
CA ILE A 7 3.28 -7.75 1.71
C ILE A 7 2.42 -7.22 0.58
N LEU A 8 1.23 -7.79 0.40
CA LEU A 8 0.34 -7.34 -0.64
C LEU A 8 -1.12 -7.57 -0.30
N GLN A 9 -1.95 -6.69 -0.77
CA GLN A 9 -3.39 -6.79 -0.60
C GLN A 9 -4.04 -5.83 -1.57
N ARG A 10 -5.22 -6.20 -2.02
CA ARG A 10 -6.01 -5.34 -2.86
C ARG A 10 -6.65 -4.28 -1.99
N CYS A 11 -7.02 -3.21 -2.60
CA CYS A 11 -7.65 -2.15 -1.86
C CYS A 11 -9.01 -1.84 -2.44
N ARG A 12 -9.98 -1.76 -1.57
CA ARG A 12 -11.30 -1.29 -1.97
C ARG A 12 -11.38 0.22 -1.73
N ARG A 13 -10.58 0.67 -0.77
CA ARG A 13 -10.37 2.09 -0.48
C ARG A 13 -9.21 2.21 0.49
N ASP A 14 -8.85 3.43 0.81
CA ASP A 14 -7.75 3.76 1.74
C ASP A 14 -7.84 3.00 3.07
N SER A 15 -9.04 2.91 3.62
CA SER A 15 -9.29 2.34 4.93
C SER A 15 -9.12 0.82 4.96
N ASP A 16 -9.03 0.24 3.79
CA ASP A 16 -8.84 -1.19 3.64
C ASP A 16 -7.36 -1.50 3.83
N CYS A 17 -6.55 -0.48 3.66
CA CYS A 17 -5.13 -0.57 3.79
C CYS A 17 -4.76 -0.07 5.20
N PRO A 18 -4.35 -0.97 6.10
CA PRO A 18 -4.01 -0.61 7.47
C PRO A 18 -2.67 0.11 7.56
N GLY A 19 -2.66 1.19 8.27
CA GLY A 19 -1.47 1.97 8.43
C GLY A 19 -1.48 3.14 7.48
N ALA A 20 -0.33 3.73 7.24
CA ALA A 20 -0.18 4.89 6.35
C ALA A 20 -0.14 4.44 4.89
N CYS A 21 -0.74 3.32 4.65
CA CYS A 21 -0.77 2.71 3.37
C CYS A 21 -2.00 3.21 2.64
N ILE A 22 -1.83 3.61 1.41
CA ILE A 22 -2.92 4.16 0.62
C ILE A 22 -3.27 3.23 -0.53
N CYS A 23 -4.43 3.41 -1.10
CA CYS A 23 -4.92 2.58 -2.20
C CYS A 23 -4.47 3.20 -3.52
N ARG A 24 -4.04 2.36 -4.45
CA ARG A 24 -3.60 2.86 -5.75
C ARG A 24 -4.38 2.23 -6.91
N GLY A 25 -4.24 2.85 -8.08
CA GLY A 25 -4.96 2.44 -9.30
C GLY A 25 -4.72 1.01 -9.73
N ASN A 26 -3.63 0.44 -9.28
CA ASN A 26 -3.28 -0.96 -9.58
C ASN A 26 -4.20 -1.91 -8.83
N GLY A 27 -4.92 -1.37 -7.86
CA GLY A 27 -5.84 -2.16 -7.11
C GLY A 27 -5.20 -2.70 -5.88
N TYR A 28 -4.03 -2.20 -5.56
CA TYR A 28 -3.30 -2.67 -4.42
C TYR A 28 -3.03 -1.54 -3.46
N CYS A 29 -2.83 -1.91 -2.23
CA CYS A 29 -2.42 -0.98 -1.22
C CYS A 29 -0.93 -0.74 -1.33
N GLY A 30 -0.52 0.48 -1.12
CA GLY A 30 0.88 0.83 -1.21
C GLY A 30 1.67 0.39 0.00
N TYR A 31 1.81 -0.91 0.16
CA TYR A 31 2.62 -1.47 1.22
C TYR A 31 4.11 -1.52 0.84
N PRO A 32 4.49 -2.08 -0.35
CA PRO A 32 5.87 -2.24 -0.73
C PRO A 32 6.46 -1.04 -1.46
N TYR A 33 7.71 -1.21 -1.88
CA TYR A 33 8.52 -0.16 -2.50
C TYR A 33 8.03 0.23 -3.88
N ASP A 34 7.15 -0.59 -4.45
CA ASP A 34 6.61 -0.37 -5.79
C ASP A 34 5.92 0.97 -5.94
N VAL A 35 5.47 1.55 -4.84
CA VAL A 35 4.91 2.88 -4.86
C VAL A 35 6.04 3.90 -4.57
N PRO A 36 6.57 4.57 -5.62
CA PRO A 36 7.73 5.43 -5.49
C PRO A 36 7.41 6.84 -5.02
N ASP A 37 6.31 7.41 -5.50
CA ASP A 37 5.94 8.79 -5.20
C ASP A 37 5.50 8.95 -3.78
N TYR A 38 4.96 7.91 -3.20
CA TYR A 38 4.57 7.97 -1.84
C TYR A 38 5.60 7.21 -1.03
N ALA A 39 6.51 7.94 -0.45
CA ALA A 39 7.65 7.37 0.27
C ALA A 39 7.23 6.82 1.63
N GLY A 1 8.99 5.00 3.11
CA GLY A 1 8.00 5.97 3.48
C GLY A 1 6.78 5.28 4.01
N GLY A 2 5.64 5.49 3.37
CA GLY A 2 4.42 4.83 3.78
C GLY A 2 4.35 3.43 3.19
N VAL A 3 5.23 2.58 3.67
CA VAL A 3 5.38 1.22 3.20
C VAL A 3 4.46 0.30 4.00
N CYS A 4 3.83 -0.65 3.35
CA CYS A 4 2.95 -1.59 4.04
C CYS A 4 3.74 -2.66 4.81
N PRO A 5 3.49 -2.80 6.13
CA PRO A 5 4.14 -3.83 6.97
C PRO A 5 3.84 -5.23 6.45
N LYS A 6 2.60 -5.41 6.04
CA LYS A 6 2.16 -6.65 5.48
C LYS A 6 2.63 -6.70 4.05
N ILE A 7 3.15 -7.82 3.61
CA ILE A 7 3.61 -7.92 2.25
C ILE A 7 2.46 -8.39 1.37
N LEU A 8 2.45 -7.87 0.14
CA LEU A 8 1.41 -8.15 -0.86
C LEU A 8 -0.01 -7.85 -0.30
N GLN A 9 -0.40 -6.57 -0.30
CA GLN A 9 -1.70 -6.22 0.22
C GLN A 9 -2.50 -5.44 -0.82
N ARG A 10 -3.72 -5.86 -1.06
CA ARG A 10 -4.60 -5.21 -2.02
C ARG A 10 -5.53 -4.26 -1.30
N CYS A 11 -6.24 -3.43 -2.02
CA CYS A 11 -7.12 -2.46 -1.41
C CYS A 11 -8.49 -2.46 -2.04
N ARG A 12 -9.51 -2.48 -1.21
CA ARG A 12 -10.86 -2.26 -1.69
C ARG A 12 -11.02 -0.77 -1.86
N ARG A 13 -10.47 -0.05 -0.90
CA ARG A 13 -10.45 1.40 -0.90
C ARG A 13 -9.28 1.86 -0.04
N ASP A 14 -9.11 3.16 0.13
CA ASP A 14 -7.98 3.73 0.89
C ASP A 14 -8.08 3.40 2.35
N SER A 15 -9.26 3.57 2.91
CA SER A 15 -9.55 3.31 4.31
C SER A 15 -9.40 1.80 4.63
N ASP A 16 -9.32 1.01 3.57
CA ASP A 16 -9.22 -0.42 3.67
C ASP A 16 -7.76 -0.86 3.82
N CYS A 17 -6.84 0.05 3.57
CA CYS A 17 -5.44 -0.25 3.74
C CYS A 17 -5.00 0.04 5.17
N PRO A 18 -4.42 -0.95 5.86
CA PRO A 18 -3.95 -0.78 7.23
C PRO A 18 -2.62 -0.02 7.30
N GLY A 19 -2.43 0.71 8.38
CA GLY A 19 -1.22 1.46 8.56
C GLY A 19 -1.20 2.69 7.70
N ALA A 20 -0.01 3.17 7.39
CA ALA A 20 0.16 4.39 6.61
C ALA A 20 0.02 4.11 5.11
N CYS A 21 -0.71 3.08 4.80
CA CYS A 21 -0.89 2.64 3.45
C CYS A 21 -2.10 3.29 2.80
N ILE A 22 -1.95 3.70 1.57
CA ILE A 22 -3.05 4.22 0.79
C ILE A 22 -3.34 3.26 -0.36
N CYS A 23 -4.45 3.41 -0.99
CA CYS A 23 -4.86 2.53 -2.08
C CYS A 23 -4.37 3.11 -3.40
N ARG A 24 -3.72 2.28 -4.19
CA ARG A 24 -3.19 2.69 -5.47
C ARG A 24 -4.20 2.33 -6.56
N GLY A 25 -4.08 2.97 -7.71
CA GLY A 25 -5.04 2.82 -8.80
C GLY A 25 -5.14 1.40 -9.35
N ASN A 26 -4.09 0.62 -9.21
CA ASN A 26 -4.07 -0.76 -9.69
C ASN A 26 -4.92 -1.68 -8.80
N GLY A 27 -5.28 -1.20 -7.64
CA GLY A 27 -6.09 -2.00 -6.74
C GLY A 27 -5.28 -2.59 -5.63
N TYR A 28 -4.07 -2.14 -5.50
CA TYR A 28 -3.20 -2.58 -4.45
C TYR A 28 -2.96 -1.47 -3.48
N CYS A 29 -2.59 -1.81 -2.29
CA CYS A 29 -2.23 -0.81 -1.31
C CYS A 29 -0.84 -0.29 -1.65
N GLY A 30 -0.41 0.73 -0.92
CA GLY A 30 0.93 1.25 -1.05
C GLY A 30 1.97 0.14 -1.00
N TYR A 31 3.10 0.38 -1.64
CA TYR A 31 4.15 -0.61 -1.78
C TYR A 31 4.52 -1.25 -0.43
N PRO A 32 4.32 -2.57 -0.31
CA PRO A 32 4.62 -3.31 0.90
C PRO A 32 6.10 -3.58 1.12
N TYR A 33 6.37 -4.14 2.29
CA TYR A 33 7.68 -4.45 2.79
C TYR A 33 8.44 -5.43 1.87
N ASP A 34 7.70 -6.13 1.00
CA ASP A 34 8.33 -7.08 0.08
C ASP A 34 9.06 -6.35 -1.03
N VAL A 35 8.77 -5.07 -1.18
CA VAL A 35 9.50 -4.25 -2.10
C VAL A 35 10.26 -3.14 -1.32
N PRO A 36 11.47 -3.48 -0.83
CA PRO A 36 12.24 -2.65 0.10
C PRO A 36 12.75 -1.32 -0.45
N ASP A 37 12.65 -1.10 -1.75
CA ASP A 37 13.11 0.16 -2.33
C ASP A 37 12.12 1.29 -2.07
N TYR A 38 10.99 0.96 -1.53
CA TYR A 38 10.00 1.95 -1.20
C TYR A 38 10.14 2.30 0.27
N ALA A 39 10.51 3.52 0.53
CA ALA A 39 10.70 4.00 1.85
C ALA A 39 9.75 5.13 2.08
N GLY A 1 11.67 2.80 1.82
CA GLY A 1 11.28 4.13 2.21
C GLY A 1 10.02 4.07 3.00
N GLY A 2 9.02 4.76 2.52
CA GLY A 2 7.72 4.72 3.13
C GLY A 2 6.98 3.52 2.63
N VAL A 3 7.28 2.41 3.22
CA VAL A 3 6.73 1.15 2.83
C VAL A 3 5.45 0.88 3.58
N CYS A 4 4.60 0.10 3.00
CA CYS A 4 3.46 -0.39 3.72
C CYS A 4 4.00 -1.53 4.58
N PRO A 5 3.86 -1.44 5.92
CA PRO A 5 4.46 -2.43 6.84
C PRO A 5 3.89 -3.84 6.66
N LYS A 6 2.80 -3.93 5.95
CA LYS A 6 2.17 -5.19 5.71
C LYS A 6 2.72 -5.80 4.42
N ILE A 7 2.03 -6.76 3.90
CA ILE A 7 2.41 -7.39 2.66
C ILE A 7 1.62 -6.76 1.52
N LEU A 8 1.88 -7.20 0.30
CA LEU A 8 1.13 -6.72 -0.85
C LEU A 8 -0.35 -7.10 -0.76
N GLN A 9 -1.10 -6.19 -0.19
CA GLN A 9 -2.50 -6.31 0.02
C GLN A 9 -3.23 -5.61 -1.13
N ARG A 10 -4.36 -6.15 -1.54
CA ARG A 10 -5.17 -5.49 -2.53
C ARG A 10 -6.02 -4.46 -1.79
N CYS A 11 -6.53 -3.49 -2.46
CA CYS A 11 -7.28 -2.47 -1.76
C CYS A 11 -8.70 -2.36 -2.26
N ARG A 12 -9.61 -2.37 -1.34
CA ARG A 12 -11.02 -2.14 -1.61
C ARG A 12 -11.23 -0.62 -1.63
N ARG A 13 -10.57 0.02 -0.70
CA ARG A 13 -10.59 1.46 -0.53
C ARG A 13 -9.37 1.86 0.28
N ASP A 14 -9.24 3.12 0.62
CA ASP A 14 -8.08 3.59 1.38
C ASP A 14 -8.18 3.19 2.82
N SER A 15 -9.38 3.28 3.35
CA SER A 15 -9.70 2.90 4.71
C SER A 15 -9.51 1.38 4.90
N ASP A 16 -9.37 0.70 3.80
CA ASP A 16 -9.22 -0.75 3.76
C ASP A 16 -7.73 -1.14 3.88
N CYS A 17 -6.85 -0.16 3.71
CA CYS A 17 -5.42 -0.39 3.87
C CYS A 17 -4.96 0.28 5.16
N PRO A 18 -4.83 -0.48 6.25
CA PRO A 18 -4.41 0.07 7.56
C PRO A 18 -2.91 0.40 7.60
N GLY A 19 -2.58 1.48 8.27
CA GLY A 19 -1.23 1.93 8.39
C GLY A 19 -0.93 3.04 7.41
N ALA A 20 0.33 3.23 7.07
CA ALA A 20 0.77 4.27 6.10
C ALA A 20 0.42 3.87 4.67
N CYS A 21 -0.43 2.91 4.55
CA CYS A 21 -0.78 2.31 3.31
C CYS A 21 -1.99 3.02 2.70
N ILE A 22 -1.90 3.41 1.45
CA ILE A 22 -3.02 4.02 0.76
C ILE A 22 -3.47 3.06 -0.34
N CYS A 23 -4.60 3.30 -0.94
CA CYS A 23 -5.08 2.48 -2.04
C CYS A 23 -4.54 3.09 -3.34
N ARG A 24 -3.94 2.27 -4.18
CA ARG A 24 -3.34 2.74 -5.41
C ARG A 24 -4.18 2.38 -6.62
N GLY A 25 -3.89 3.03 -7.74
CA GLY A 25 -4.61 2.86 -9.00
C GLY A 25 -4.53 1.47 -9.58
N ASN A 26 -3.54 0.72 -9.16
CA ASN A 26 -3.36 -0.66 -9.63
C ASN A 26 -4.35 -1.60 -8.93
N GLY A 27 -4.96 -1.11 -7.86
CA GLY A 27 -5.92 -1.89 -7.15
C GLY A 27 -5.35 -2.48 -5.90
N TYR A 28 -4.12 -2.18 -5.62
CA TYR A 28 -3.46 -2.69 -4.44
C TYR A 28 -3.13 -1.54 -3.53
N CYS A 29 -2.71 -1.85 -2.33
CA CYS A 29 -2.34 -0.82 -1.40
C CYS A 29 -0.93 -0.30 -1.73
N GLY A 30 -0.50 0.71 -0.99
CA GLY A 30 0.83 1.26 -1.13
C GLY A 30 1.89 0.19 -1.06
N TYR A 31 2.99 0.43 -1.75
CA TYR A 31 4.07 -0.53 -1.90
C TYR A 31 4.57 -1.04 -0.54
N PRO A 32 4.42 -2.33 -0.32
CA PRO A 32 4.75 -2.98 0.96
C PRO A 32 6.24 -3.22 1.20
N TYR A 33 6.52 -3.70 2.39
CA TYR A 33 7.87 -3.99 2.80
C TYR A 33 8.25 -5.41 2.42
N ASP A 34 7.28 -6.22 2.08
CA ASP A 34 7.56 -7.61 1.71
C ASP A 34 8.26 -7.68 0.35
N VAL A 35 8.06 -6.65 -0.45
CA VAL A 35 8.70 -6.55 -1.73
C VAL A 35 10.06 -5.86 -1.59
N PRO A 36 11.13 -6.51 -2.04
CA PRO A 36 12.52 -6.02 -1.87
C PRO A 36 12.90 -4.85 -2.76
N ASP A 37 12.05 -4.54 -3.73
CA ASP A 37 12.36 -3.49 -4.70
C ASP A 37 11.92 -2.13 -4.21
N TYR A 38 11.16 -2.08 -3.16
CA TYR A 38 10.69 -0.82 -2.66
C TYR A 38 11.19 -0.61 -1.25
N ALA A 39 11.52 0.61 -0.93
CA ALA A 39 12.02 0.99 0.34
C ALA A 39 11.56 2.39 0.61
N GLY A 1 5.74 8.47 1.94
CA GLY A 1 5.27 8.21 3.29
C GLY A 1 4.63 6.86 3.44
N GLY A 2 4.72 6.06 2.39
CA GLY A 2 4.17 4.74 2.42
C GLY A 2 5.13 3.80 3.10
N VAL A 3 4.79 3.38 4.28
CA VAL A 3 5.62 2.51 5.05
C VAL A 3 4.79 1.53 5.85
N CYS A 4 4.62 0.39 5.29
CA CYS A 4 3.87 -0.66 5.90
C CYS A 4 4.68 -1.95 5.81
N PRO A 5 4.63 -2.79 6.86
CA PRO A 5 5.38 -4.07 6.89
C PRO A 5 4.83 -5.14 5.91
N LYS A 6 3.69 -4.87 5.34
CA LYS A 6 3.01 -5.81 4.44
C LYS A 6 3.53 -5.70 2.99
N ILE A 7 3.08 -6.62 2.14
CA ILE A 7 3.42 -6.61 0.72
C ILE A 7 2.18 -6.29 -0.07
N LEU A 8 2.30 -6.11 -1.38
CA LEU A 8 1.18 -5.77 -2.23
C LEU A 8 -0.01 -6.71 -2.06
N GLN A 9 -1.12 -6.12 -1.77
CA GLN A 9 -2.37 -6.79 -1.58
C GLN A 9 -3.45 -5.84 -2.07
N ARG A 10 -4.55 -6.38 -2.55
CA ARG A 10 -5.68 -5.63 -3.07
C ARG A 10 -6.23 -4.65 -2.04
N CYS A 11 -6.78 -3.60 -2.52
CA CYS A 11 -7.41 -2.63 -1.69
C CYS A 11 -8.85 -2.46 -2.12
N ARG A 12 -9.75 -2.45 -1.16
CA ARG A 12 -11.15 -2.14 -1.44
C ARG A 12 -11.24 -0.64 -1.58
N ARG A 13 -10.49 0.03 -0.72
CA ARG A 13 -10.38 1.47 -0.68
C ARG A 13 -9.21 1.86 0.20
N ASP A 14 -8.98 3.14 0.36
CA ASP A 14 -7.81 3.65 1.13
C ASP A 14 -7.92 3.31 2.59
N SER A 15 -9.10 3.52 3.15
CA SER A 15 -9.37 3.22 4.54
C SER A 15 -9.29 1.69 4.83
N ASP A 16 -9.25 0.92 3.76
CA ASP A 16 -9.18 -0.53 3.83
C ASP A 16 -7.72 -0.98 3.97
N CYS A 17 -6.80 -0.09 3.69
CA CYS A 17 -5.39 -0.38 3.82
C CYS A 17 -4.92 0.11 5.21
N PRO A 18 -4.70 -0.80 6.18
CA PRO A 18 -4.35 -0.43 7.55
C PRO A 18 -2.91 0.04 7.65
N GLY A 19 -2.73 1.16 8.32
CA GLY A 19 -1.43 1.74 8.44
C GLY A 19 -1.24 2.89 7.48
N ALA A 20 -0.01 3.25 7.23
CA ALA A 20 0.33 4.40 6.36
C ALA A 20 0.23 4.03 4.87
N CYS A 21 -0.57 3.03 4.61
CA CYS A 21 -0.73 2.47 3.30
C CYS A 21 -1.88 3.19 2.57
N ILE A 22 -1.72 3.42 1.29
CA ILE A 22 -2.79 4.04 0.51
C ILE A 22 -3.31 3.01 -0.50
N CYS A 23 -4.48 3.21 -1.02
CA CYS A 23 -4.99 2.36 -2.09
C CYS A 23 -4.56 2.98 -3.39
N ARG A 24 -3.95 2.21 -4.24
CA ARG A 24 -3.48 2.74 -5.50
C ARG A 24 -4.42 2.36 -6.62
N GLY A 25 -4.29 3.07 -7.75
CA GLY A 25 -5.15 2.84 -8.91
C GLY A 25 -4.98 1.47 -9.52
N ASN A 26 -3.84 0.83 -9.25
CA ASN A 26 -3.56 -0.52 -9.74
C ASN A 26 -4.39 -1.54 -8.97
N GLY A 27 -4.94 -1.12 -7.85
CA GLY A 27 -5.78 -1.98 -7.08
C GLY A 27 -5.09 -2.56 -5.87
N TYR A 28 -3.87 -2.17 -5.64
CA TYR A 28 -3.14 -2.71 -4.52
C TYR A 28 -2.76 -1.57 -3.59
N CYS A 29 -2.58 -1.87 -2.32
CA CYS A 29 -2.27 -0.82 -1.39
C CYS A 29 -0.81 -0.54 -1.48
N GLY A 30 -0.45 0.69 -1.25
CA GLY A 30 0.90 1.08 -1.23
C GLY A 30 1.46 0.83 0.13
N TYR A 31 1.60 -0.44 0.43
CA TYR A 31 2.16 -0.87 1.68
C TYR A 31 3.70 -0.69 1.68
N PRO A 32 4.43 -1.29 0.70
CA PRO A 32 5.86 -1.36 0.77
C PRO A 32 6.62 -0.17 0.17
N TYR A 33 7.93 -0.26 0.31
CA TYR A 33 8.91 0.74 -0.14
C TYR A 33 8.96 0.87 -1.65
N ASP A 34 8.47 -0.13 -2.32
CA ASP A 34 8.49 -0.20 -3.80
C ASP A 34 7.50 0.76 -4.46
N VAL A 35 6.83 1.56 -3.66
CA VAL A 35 5.93 2.59 -4.14
C VAL A 35 6.66 3.95 -4.09
N PRO A 36 7.29 4.38 -5.20
CA PRO A 36 8.04 5.63 -5.24
C PRO A 36 7.17 6.84 -5.62
N ASP A 37 5.96 6.59 -6.10
CA ASP A 37 5.06 7.67 -6.52
C ASP A 37 4.37 8.30 -5.33
N TYR A 38 4.45 7.64 -4.22
CA TYR A 38 3.90 8.16 -3.01
C TYR A 38 5.04 8.40 -2.03
N ALA A 39 4.85 9.33 -1.13
CA ALA A 39 5.83 9.64 -0.13
C ALA A 39 5.25 9.43 1.24
N GLY A 1 8.61 4.79 2.98
CA GLY A 1 7.71 5.75 3.55
C GLY A 1 6.48 5.07 4.03
N GLY A 2 5.41 5.23 3.30
CA GLY A 2 4.14 4.61 3.66
C GLY A 2 4.07 3.18 3.15
N VAL A 3 4.96 2.35 3.65
CA VAL A 3 5.04 1.00 3.24
C VAL A 3 4.13 0.16 4.08
N CYS A 4 3.58 -0.84 3.48
CA CYS A 4 2.70 -1.72 4.21
C CYS A 4 3.48 -2.75 5.01
N PRO A 5 3.20 -2.86 6.32
CA PRO A 5 3.83 -3.83 7.19
C PRO A 5 3.56 -5.25 6.70
N LYS A 6 2.30 -5.56 6.48
CA LYS A 6 1.95 -6.83 5.92
C LYS A 6 2.10 -6.79 4.43
N ILE A 7 2.58 -7.86 3.87
CA ILE A 7 2.81 -7.91 2.46
C ILE A 7 1.56 -8.38 1.75
N LEU A 8 1.46 -8.00 0.49
CA LEU A 8 0.36 -8.35 -0.39
C LEU A 8 -0.97 -7.85 0.16
N GLN A 9 -1.19 -6.55 0.07
CA GLN A 9 -2.40 -5.98 0.58
C GLN A 9 -3.09 -5.27 -0.56
N ARG A 10 -4.32 -5.63 -0.80
CA ARG A 10 -5.11 -5.09 -1.89
C ARG A 10 -6.24 -4.24 -1.34
N CYS A 11 -6.76 -3.35 -2.14
CA CYS A 11 -7.72 -2.40 -1.64
C CYS A 11 -8.76 -2.03 -2.67
N ARG A 12 -9.87 -1.49 -2.20
CA ARG A 12 -10.78 -0.82 -3.08
C ARG A 12 -10.95 0.63 -2.61
N ARG A 13 -10.46 0.91 -1.41
CA ARG A 13 -10.40 2.26 -0.89
C ARG A 13 -9.35 2.36 0.21
N ASP A 14 -9.27 3.52 0.80
CA ASP A 14 -8.31 3.88 1.85
C ASP A 14 -8.43 2.99 3.10
N SER A 15 -9.66 2.65 3.46
CA SER A 15 -9.97 1.84 4.64
C SER A 15 -9.38 0.43 4.54
N ASP A 16 -9.06 0.04 3.33
CA ASP A 16 -8.54 -1.27 3.04
C ASP A 16 -7.07 -1.35 3.37
N CYS A 17 -6.45 -0.23 3.59
CA CYS A 17 -5.03 -0.22 3.80
C CYS A 17 -4.70 0.40 5.17
N PRO A 18 -4.65 -0.41 6.24
CA PRO A 18 -4.21 0.02 7.56
C PRO A 18 -2.73 0.41 7.54
N GLY A 19 -2.33 1.18 8.53
CA GLY A 19 -0.99 1.67 8.58
C GLY A 19 -0.88 2.91 7.74
N ALA A 20 0.31 3.31 7.39
CA ALA A 20 0.52 4.51 6.59
C ALA A 20 0.34 4.21 5.10
N CYS A 21 -0.48 3.24 4.83
CA CYS A 21 -0.72 2.78 3.49
C CYS A 21 -1.90 3.50 2.86
N ILE A 22 -1.79 3.81 1.60
CA ILE A 22 -2.89 4.37 0.85
C ILE A 22 -3.32 3.35 -0.19
N CYS A 23 -4.46 3.55 -0.78
CA CYS A 23 -4.96 2.65 -1.79
C CYS A 23 -4.47 3.11 -3.16
N ARG A 24 -4.15 2.18 -4.04
CA ARG A 24 -3.67 2.53 -5.37
C ARG A 24 -4.60 1.96 -6.45
N GLY A 25 -4.63 2.63 -7.59
CA GLY A 25 -5.52 2.30 -8.70
C GLY A 25 -5.24 0.95 -9.33
N ASN A 26 -4.05 0.43 -9.13
CA ASN A 26 -3.68 -0.88 -9.66
C ASN A 26 -4.43 -1.99 -8.92
N GLY A 27 -5.01 -1.66 -7.77
CA GLY A 27 -5.75 -2.63 -7.01
C GLY A 27 -5.09 -2.95 -5.72
N TYR A 28 -3.87 -2.55 -5.60
CA TYR A 28 -3.09 -2.81 -4.43
C TYR A 28 -3.02 -1.60 -3.56
N CYS A 29 -2.63 -1.81 -2.35
CA CYS A 29 -2.36 -0.75 -1.42
C CYS A 29 -0.97 -0.20 -1.70
N GLY A 30 -0.53 0.70 -0.83
CA GLY A 30 0.84 1.12 -0.85
C GLY A 30 1.76 -0.08 -0.81
N TYR A 31 2.90 0.04 -1.41
CA TYR A 31 3.79 -1.07 -1.54
C TYR A 31 4.32 -1.54 -0.17
N PRO A 32 4.22 -2.84 0.13
CA PRO A 32 4.67 -3.38 1.41
C PRO A 32 6.17 -3.62 1.49
N TYR A 33 6.55 -4.21 2.62
CA TYR A 33 7.92 -4.58 2.98
C TYR A 33 8.65 -5.37 1.88
N ASP A 34 7.91 -6.14 1.11
CA ASP A 34 8.53 -6.97 0.07
C ASP A 34 8.89 -6.15 -1.17
N VAL A 35 8.60 -4.86 -1.14
CA VAL A 35 8.93 -3.94 -2.21
C VAL A 35 10.01 -2.96 -1.71
N PRO A 36 11.29 -3.20 -2.02
CA PRO A 36 12.42 -2.39 -1.53
C PRO A 36 12.56 -1.02 -2.18
N ASP A 37 11.93 -0.82 -3.34
CA ASP A 37 12.08 0.46 -4.05
C ASP A 37 11.17 1.52 -3.47
N TYR A 38 10.19 1.09 -2.71
CA TYR A 38 9.27 2.01 -2.11
C TYR A 38 9.63 2.16 -0.65
N ALA A 39 9.37 3.32 -0.11
CA ALA A 39 9.68 3.62 1.24
C ALA A 39 8.71 4.66 1.71
N GLY A 1 7.32 7.22 1.18
CA GLY A 1 6.18 7.76 1.85
C GLY A 1 5.24 6.69 2.31
N GLY A 2 4.28 6.37 1.47
CA GLY A 2 3.29 5.36 1.77
C GLY A 2 3.79 3.96 1.52
N VAL A 3 4.83 3.61 2.24
CA VAL A 3 5.38 2.32 2.18
C VAL A 3 4.86 1.52 3.36
N CYS A 4 4.68 0.27 3.17
CA CYS A 4 4.08 -0.55 4.17
C CYS A 4 4.95 -1.75 4.53
N PRO A 5 5.05 -2.10 5.84
CA PRO A 5 5.71 -3.33 6.28
C PRO A 5 4.77 -4.52 6.03
N LYS A 6 3.53 -4.16 5.71
CA LYS A 6 2.46 -5.07 5.36
C LYS A 6 2.81 -5.79 4.05
N ILE A 7 2.08 -6.82 3.73
CA ILE A 7 2.28 -7.56 2.51
C ILE A 7 1.48 -6.93 1.39
N LEU A 8 1.66 -7.43 0.19
CA LEU A 8 0.98 -6.89 -0.97
C LEU A 8 -0.50 -7.27 -0.97
N GLN A 9 -1.28 -6.50 -0.26
CA GLN A 9 -2.69 -6.68 -0.21
C GLN A 9 -3.35 -5.76 -1.20
N ARG A 10 -4.52 -6.12 -1.63
CA ARG A 10 -5.24 -5.30 -2.56
C ARG A 10 -6.01 -4.25 -1.78
N CYS A 11 -6.53 -3.25 -2.45
CA CYS A 11 -7.30 -2.23 -1.78
C CYS A 11 -8.69 -2.12 -2.34
N ARG A 12 -9.65 -2.02 -1.46
CA ARG A 12 -11.00 -1.66 -1.85
C ARG A 12 -11.14 -0.16 -1.71
N ARG A 13 -10.49 0.36 -0.69
CA ARG A 13 -10.50 1.76 -0.36
C ARG A 13 -9.30 2.06 0.50
N ASP A 14 -9.12 3.30 0.86
CA ASP A 14 -7.97 3.70 1.70
C ASP A 14 -8.12 3.13 3.10
N SER A 15 -9.34 3.15 3.62
CA SER A 15 -9.67 2.64 4.96
C SER A 15 -9.49 1.12 5.03
N ASP A 16 -9.36 0.51 3.87
CA ASP A 16 -9.23 -0.93 3.71
C ASP A 16 -7.76 -1.34 3.83
N CYS A 17 -6.89 -0.35 3.79
CA CYS A 17 -5.47 -0.57 3.94
C CYS A 17 -5.04 0.09 5.26
N PRO A 18 -4.49 -0.66 6.22
CA PRO A 18 -4.12 -0.10 7.52
C PRO A 18 -2.70 0.46 7.58
N GLY A 19 -2.57 1.63 8.12
CA GLY A 19 -1.29 2.27 8.29
C GLY A 19 -1.02 3.24 7.17
N ALA A 20 0.23 3.33 6.75
CA ALA A 20 0.65 4.23 5.68
C ALA A 20 0.26 3.65 4.31
N CYS A 21 -0.64 2.73 4.35
CA CYS A 21 -1.07 2.04 3.20
C CYS A 21 -2.24 2.78 2.59
N ILE A 22 -2.05 3.22 1.39
CA ILE A 22 -3.07 3.93 0.65
C ILE A 22 -3.52 3.09 -0.53
N CYS A 23 -4.61 3.43 -1.11
CA CYS A 23 -5.14 2.65 -2.22
C CYS A 23 -4.58 3.19 -3.54
N ARG A 24 -3.91 2.35 -4.28
CA ARG A 24 -3.31 2.71 -5.54
C ARG A 24 -4.22 2.27 -6.69
N GLY A 25 -4.05 2.92 -7.83
CA GLY A 25 -4.88 2.66 -9.01
C GLY A 25 -4.72 1.27 -9.56
N ASN A 26 -3.59 0.65 -9.29
CA ASN A 26 -3.30 -0.72 -9.73
C ASN A 26 -4.21 -1.72 -8.99
N GLY A 27 -4.82 -1.26 -7.91
CA GLY A 27 -5.73 -2.06 -7.17
C GLY A 27 -5.15 -2.56 -5.88
N TYR A 28 -3.92 -2.21 -5.62
CA TYR A 28 -3.26 -2.64 -4.43
C TYR A 28 -2.99 -1.50 -3.50
N CYS A 29 -2.66 -1.81 -2.27
CA CYS A 29 -2.39 -0.80 -1.28
C CYS A 29 -0.98 -0.22 -1.44
N GLY A 30 -0.63 0.67 -0.50
CA GLY A 30 0.70 1.25 -0.41
C GLY A 30 1.80 0.23 -0.59
N TYR A 31 2.85 0.67 -1.22
CA TYR A 31 3.94 -0.19 -1.64
C TYR A 31 4.66 -0.85 -0.46
N PRO A 32 4.60 -2.20 -0.40
CA PRO A 32 5.20 -3.00 0.67
C PRO A 32 6.73 -2.88 0.80
N TYR A 33 7.25 -3.64 1.74
CA TYR A 33 8.66 -3.73 2.11
C TYR A 33 9.58 -3.98 0.92
N ASP A 34 9.11 -4.71 -0.04
CA ASP A 34 9.92 -5.09 -1.20
C ASP A 34 10.02 -3.96 -2.21
N VAL A 35 9.34 -2.87 -1.96
CA VAL A 35 9.37 -1.71 -2.82
C VAL A 35 9.99 -0.50 -2.07
N PRO A 36 11.33 -0.38 -2.07
CA PRO A 36 12.02 0.74 -1.44
C PRO A 36 12.10 1.95 -2.36
N ASP A 37 11.77 1.73 -3.64
CA ASP A 37 11.84 2.78 -4.65
C ASP A 37 10.74 3.81 -4.47
N TYR A 38 9.69 3.44 -3.79
CA TYR A 38 8.63 4.36 -3.48
C TYR A 38 8.94 4.94 -2.11
N ALA A 39 8.51 6.14 -1.86
CA ALA A 39 8.78 6.79 -0.62
C ALA A 39 7.50 7.36 -0.08
N GLY A 1 5.89 8.69 1.49
CA GLY A 1 5.52 8.19 2.78
C GLY A 1 4.70 6.93 2.68
N GLY A 2 4.19 6.67 1.47
CA GLY A 2 3.36 5.51 1.25
C GLY A 2 4.17 4.25 1.07
N VAL A 3 4.74 3.77 2.15
CA VAL A 3 5.48 2.53 2.20
C VAL A 3 5.11 1.86 3.52
N CYS A 4 4.99 0.57 3.51
CA CYS A 4 4.61 -0.17 4.69
C CYS A 4 5.53 -1.38 4.85
N PRO A 5 5.84 -1.80 6.09
CA PRO A 5 6.78 -2.90 6.36
C PRO A 5 6.27 -4.30 5.95
N LYS A 6 4.96 -4.52 5.97
CA LYS A 6 4.40 -5.83 5.60
C LYS A 6 4.34 -6.00 4.08
N ILE A 7 3.74 -7.08 3.63
CA ILE A 7 3.62 -7.37 2.22
C ILE A 7 2.35 -6.73 1.67
N LEU A 8 2.41 -6.32 0.40
CA LEU A 8 1.32 -5.69 -0.32
C LEU A 8 -0.02 -6.40 -0.19
N GLN A 9 -1.06 -5.64 -0.27
CA GLN A 9 -2.40 -6.12 -0.13
C GLN A 9 -3.27 -5.33 -1.07
N ARG A 10 -4.35 -5.92 -1.51
CA ARG A 10 -5.30 -5.28 -2.39
C ARG A 10 -6.32 -4.57 -1.51
N CYS A 11 -6.94 -3.59 -2.04
CA CYS A 11 -7.81 -2.75 -1.23
C CYS A 11 -9.24 -2.77 -1.75
N ARG A 12 -10.19 -2.60 -0.86
CA ARG A 12 -11.56 -2.40 -1.27
C ARG A 12 -11.80 -0.88 -1.35
N ARG A 13 -11.01 -0.15 -0.57
CA ARG A 13 -10.94 1.30 -0.57
C ARG A 13 -9.61 1.72 0.03
N ASP A 14 -9.31 2.98 0.02
CA ASP A 14 -8.00 3.49 0.50
C ASP A 14 -7.81 3.28 1.99
N SER A 15 -8.83 3.61 2.75
CA SER A 15 -8.81 3.51 4.20
C SER A 15 -8.78 2.04 4.63
N ASP A 16 -9.05 1.17 3.67
CA ASP A 16 -9.04 -0.26 3.89
C ASP A 16 -7.61 -0.75 3.99
N CYS A 17 -6.69 -0.01 3.42
CA CYS A 17 -5.29 -0.34 3.54
C CYS A 17 -4.84 -0.01 4.97
N PRO A 18 -4.51 -1.02 5.79
CA PRO A 18 -4.19 -0.83 7.20
C PRO A 18 -2.87 -0.10 7.41
N GLY A 19 -2.87 0.81 8.34
CA GLY A 19 -1.70 1.57 8.63
C GLY A 19 -1.55 2.73 7.70
N ALA A 20 -0.34 3.18 7.49
CA ALA A 20 -0.06 4.34 6.64
C ALA A 20 -0.06 3.94 5.15
N CYS A 21 -0.78 2.92 4.83
CA CYS A 21 -0.80 2.41 3.49
C CYS A 21 -1.94 3.09 2.72
N ILE A 22 -1.63 3.54 1.55
CA ILE A 22 -2.59 4.19 0.67
C ILE A 22 -2.80 3.32 -0.54
N CYS A 23 -4.00 3.28 -1.05
CA CYS A 23 -4.28 2.43 -2.19
C CYS A 23 -4.04 3.19 -3.48
N ARG A 24 -3.67 2.50 -4.52
CA ARG A 24 -3.48 3.13 -5.80
C ARG A 24 -4.39 2.50 -6.84
N GLY A 25 -4.47 3.14 -8.00
CA GLY A 25 -5.38 2.75 -9.08
C GLY A 25 -5.24 1.32 -9.56
N ASN A 26 -4.08 0.74 -9.34
CA ASN A 26 -3.83 -0.65 -9.73
C ASN A 26 -4.63 -1.62 -8.85
N GLY A 27 -5.05 -1.15 -7.68
CA GLY A 27 -5.85 -1.97 -6.80
C GLY A 27 -5.12 -2.38 -5.54
N TYR A 28 -3.83 -2.16 -5.51
CA TYR A 28 -3.03 -2.53 -4.38
C TYR A 28 -2.61 -1.34 -3.54
N CYS A 29 -2.38 -1.62 -2.29
CA CYS A 29 -1.97 -0.64 -1.33
C CYS A 29 -0.47 -0.42 -1.41
N GLY A 30 -0.05 0.78 -1.08
CA GLY A 30 1.33 1.18 -1.13
C GLY A 30 2.15 0.62 0.00
N TYR A 31 2.37 -0.66 -0.04
CA TYR A 31 3.30 -1.31 0.84
C TYR A 31 4.74 -1.19 0.29
N PRO A 32 5.00 -1.49 -1.04
CA PRO A 32 6.34 -1.37 -1.63
C PRO A 32 6.77 0.09 -1.89
N TYR A 33 7.98 0.23 -2.40
CA TYR A 33 8.63 1.52 -2.59
C TYR A 33 8.31 2.17 -3.94
N ASP A 34 7.76 1.38 -4.85
CA ASP A 34 7.55 1.83 -6.26
C ASP A 34 6.48 2.92 -6.42
N VAL A 35 5.89 3.36 -5.32
CA VAL A 35 4.90 4.42 -5.34
C VAL A 35 5.50 5.75 -4.78
N PRO A 36 6.11 6.58 -5.64
CA PRO A 36 6.78 7.81 -5.23
C PRO A 36 5.84 9.02 -5.19
N ASP A 37 4.64 8.86 -5.75
CA ASP A 37 3.68 9.98 -5.87
C ASP A 37 3.34 10.58 -4.50
N TYR A 38 3.36 9.75 -3.48
CA TYR A 38 3.15 10.21 -2.14
C TYR A 38 4.31 9.73 -1.31
N ALA A 39 5.16 10.65 -0.92
CA ALA A 39 6.33 10.34 -0.16
C ALA A 39 5.93 9.97 1.25
N GLY A 1 5.97 7.06 -1.59
CA GLY A 1 5.75 7.90 -0.46
C GLY A 1 5.99 7.15 0.79
N GLY A 2 5.00 6.42 1.22
CA GLY A 2 5.13 5.59 2.35
C GLY A 2 5.72 4.25 1.96
N VAL A 3 6.29 3.59 2.90
CA VAL A 3 6.83 2.28 2.68
C VAL A 3 6.32 1.36 3.77
N CYS A 4 5.36 0.57 3.41
CA CYS A 4 4.67 -0.25 4.36
C CYS A 4 5.34 -1.59 4.52
N PRO A 5 5.39 -2.10 5.75
CA PRO A 5 5.97 -3.39 6.06
C PRO A 5 5.00 -4.56 5.79
N LYS A 6 3.75 -4.21 5.53
CA LYS A 6 2.68 -5.19 5.34
C LYS A 6 2.86 -5.98 4.04
N ILE A 7 2.14 -7.06 3.93
CA ILE A 7 2.17 -7.90 2.75
C ILE A 7 1.12 -7.39 1.75
N LEU A 8 1.34 -7.63 0.46
CA LEU A 8 0.46 -7.19 -0.60
C LEU A 8 -0.98 -7.63 -0.42
N GLN A 9 -1.88 -6.68 -0.54
CA GLN A 9 -3.29 -6.91 -0.44
C GLN A 9 -3.96 -5.93 -1.36
N ARG A 10 -5.05 -6.35 -1.98
CA ARG A 10 -5.82 -5.49 -2.84
C ARG A 10 -6.56 -4.48 -1.98
N CYS A 11 -6.93 -3.37 -2.54
CA CYS A 11 -7.63 -2.37 -1.76
C CYS A 11 -8.97 -2.05 -2.34
N ARG A 12 -9.98 -2.06 -1.50
CA ARG A 12 -11.29 -1.65 -1.93
C ARG A 12 -11.42 -0.14 -1.74
N ARG A 13 -10.75 0.35 -0.71
CA ARG A 13 -10.67 1.77 -0.44
C ARG A 13 -9.40 2.08 0.34
N ASP A 14 -9.17 3.34 0.63
CA ASP A 14 -7.94 3.76 1.32
C ASP A 14 -7.95 3.39 2.77
N SER A 15 -9.10 3.50 3.41
CA SER A 15 -9.29 3.11 4.81
C SER A 15 -9.14 1.59 4.97
N ASP A 16 -9.13 0.90 3.86
CA ASP A 16 -9.01 -0.54 3.82
C ASP A 16 -7.54 -0.96 3.89
N CYS A 17 -6.65 -0.01 3.70
CA CYS A 17 -5.23 -0.26 3.76
C CYS A 17 -4.71 0.01 5.18
N PRO A 18 -4.28 -1.05 5.90
CA PRO A 18 -3.74 -0.94 7.26
C PRO A 18 -2.42 -0.21 7.28
N GLY A 19 -2.25 0.65 8.26
CA GLY A 19 -1.05 1.43 8.38
C GLY A 19 -1.14 2.71 7.57
N ALA A 20 -0.01 3.32 7.30
CA ALA A 20 0.03 4.60 6.55
C ALA A 20 -0.06 4.34 5.04
N CYS A 21 -0.65 3.25 4.71
CA CYS A 21 -0.77 2.77 3.36
C CYS A 21 -2.06 3.30 2.76
N ILE A 22 -2.04 3.69 1.50
CA ILE A 22 -3.25 4.14 0.82
C ILE A 22 -3.59 3.21 -0.32
N CYS A 23 -4.71 3.41 -0.95
CA CYS A 23 -5.15 2.55 -2.03
C CYS A 23 -4.59 3.10 -3.33
N ARG A 24 -4.15 2.23 -4.21
CA ARG A 24 -3.59 2.69 -5.46
C ARG A 24 -4.36 2.12 -6.63
N GLY A 25 -4.24 2.80 -7.76
CA GLY A 25 -4.92 2.42 -9.00
C GLY A 25 -4.49 1.07 -9.53
N ASN A 26 -3.33 0.60 -9.07
CA ASN A 26 -2.80 -0.70 -9.46
C ASN A 26 -3.68 -1.83 -8.92
N GLY A 27 -4.55 -1.50 -7.96
CA GLY A 27 -5.46 -2.48 -7.44
C GLY A 27 -5.09 -2.89 -6.04
N TYR A 28 -3.92 -2.47 -5.62
CA TYR A 28 -3.40 -2.86 -4.35
C TYR A 28 -3.17 -1.66 -3.49
N CYS A 29 -2.92 -1.90 -2.24
CA CYS A 29 -2.56 -0.84 -1.36
C CYS A 29 -1.12 -0.47 -1.61
N GLY A 30 -0.79 0.77 -1.36
CA GLY A 30 0.53 1.25 -1.59
C GLY A 30 1.45 0.84 -0.50
N TYR A 31 1.70 -0.45 -0.43
CA TYR A 31 2.61 -0.99 0.54
C TYR A 31 4.06 -0.81 0.09
N PRO A 32 4.45 -1.25 -1.14
CA PRO A 32 5.81 -1.12 -1.58
C PRO A 32 6.10 0.28 -2.11
N TYR A 33 7.26 0.78 -1.78
CA TYR A 33 7.71 2.10 -2.21
C TYR A 33 8.21 2.01 -3.66
N ASP A 34 8.43 0.78 -4.09
CA ASP A 34 8.96 0.50 -5.42
C ASP A 34 7.88 0.41 -6.49
N VAL A 35 6.62 0.63 -6.14
CA VAL A 35 5.57 0.60 -7.15
C VAL A 35 5.62 1.88 -8.00
N PRO A 36 5.50 1.76 -9.33
CA PRO A 36 5.70 2.87 -10.30
C PRO A 36 4.96 4.17 -9.97
N ASP A 37 3.71 4.06 -9.58
CA ASP A 37 2.86 5.23 -9.36
C ASP A 37 2.89 5.73 -7.93
N TYR A 38 3.59 5.06 -7.04
CA TYR A 38 3.57 5.47 -5.66
C TYR A 38 4.92 5.36 -4.99
N ALA A 39 5.43 6.48 -4.59
CA ALA A 39 6.62 6.56 -3.82
C ALA A 39 6.40 7.55 -2.70
N GLY A 1 9.27 5.93 0.30
CA GLY A 1 9.83 5.22 1.44
C GLY A 1 8.75 4.65 2.33
N GLY A 2 7.50 4.75 1.92
CA GLY A 2 6.40 4.24 2.70
C GLY A 2 6.17 2.77 2.48
N VAL A 3 7.06 1.96 2.98
CA VAL A 3 6.91 0.52 2.85
C VAL A 3 6.13 0.01 4.03
N CYS A 4 5.19 -0.83 3.78
CA CYS A 4 4.34 -1.33 4.81
C CYS A 4 4.91 -2.62 5.41
N PRO A 5 4.60 -2.91 6.69
CA PRO A 5 5.01 -4.15 7.36
C PRO A 5 4.27 -5.36 6.77
N LYS A 6 3.17 -5.08 6.12
CA LYS A 6 2.38 -6.07 5.46
C LYS A 6 2.97 -6.27 4.06
N ILE A 7 2.76 -7.43 3.47
CA ILE A 7 3.43 -7.75 2.23
C ILE A 7 2.62 -7.28 1.02
N LEU A 8 1.42 -7.79 0.85
CA LEU A 8 0.60 -7.40 -0.27
C LEU A 8 -0.86 -7.69 0.03
N GLN A 9 -1.71 -6.78 -0.40
CA GLN A 9 -3.14 -6.87 -0.23
C GLN A 9 -3.77 -5.97 -1.28
N ARG A 10 -4.92 -6.38 -1.81
CA ARG A 10 -5.64 -5.55 -2.75
C ARG A 10 -6.47 -4.55 -1.96
N CYS A 11 -6.80 -3.45 -2.54
CA CYS A 11 -7.51 -2.42 -1.81
C CYS A 11 -8.81 -2.09 -2.49
N ARG A 12 -9.88 -2.06 -1.73
CA ARG A 12 -11.14 -1.62 -2.27
C ARG A 12 -11.38 -0.16 -1.92
N ARG A 13 -10.75 0.26 -0.84
CA ARG A 13 -10.76 1.63 -0.39
C ARG A 13 -9.41 1.93 0.25
N ASP A 14 -9.20 3.15 0.63
CA ASP A 14 -7.91 3.55 1.24
C ASP A 14 -7.86 3.11 2.70
N SER A 15 -8.98 3.19 3.38
CA SER A 15 -9.11 2.75 4.76
C SER A 15 -9.00 1.21 4.87
N ASP A 16 -9.05 0.55 3.72
CA ASP A 16 -8.94 -0.90 3.59
C ASP A 16 -7.46 -1.30 3.73
N CYS A 17 -6.60 -0.31 3.64
CA CYS A 17 -5.19 -0.49 3.83
C CYS A 17 -4.83 0.06 5.21
N PRO A 18 -4.44 -0.81 6.17
CA PRO A 18 -4.07 -0.38 7.53
C PRO A 18 -2.77 0.41 7.55
N GLY A 19 -2.75 1.44 8.36
CA GLY A 19 -1.58 2.27 8.50
C GLY A 19 -1.47 3.29 7.41
N ALA A 20 -0.28 3.83 7.23
CA ALA A 20 -0.01 4.87 6.21
C ALA A 20 0.04 4.29 4.80
N CYS A 21 -0.53 3.14 4.65
CA CYS A 21 -0.59 2.47 3.41
C CYS A 21 -1.84 2.96 2.72
N ILE A 22 -1.71 3.42 1.52
CA ILE A 22 -2.86 3.95 0.83
C ILE A 22 -3.23 3.07 -0.35
N CYS A 23 -4.43 3.23 -0.85
CA CYS A 23 -4.91 2.43 -1.96
C CYS A 23 -4.43 3.04 -3.25
N ARG A 24 -3.95 2.24 -4.17
CA ARG A 24 -3.43 2.76 -5.42
C ARG A 24 -4.35 2.37 -6.55
N GLY A 25 -4.24 3.05 -7.68
CA GLY A 25 -5.10 2.82 -8.83
C GLY A 25 -4.93 1.45 -9.44
N ASN A 26 -3.79 0.83 -9.17
CA ASN A 26 -3.50 -0.52 -9.64
C ASN A 26 -4.39 -1.55 -8.95
N GLY A 27 -4.99 -1.19 -7.83
CA GLY A 27 -5.88 -2.09 -7.15
C GLY A 27 -5.30 -2.66 -5.89
N TYR A 28 -4.06 -2.31 -5.61
CA TYR A 28 -3.39 -2.80 -4.43
C TYR A 28 -3.04 -1.67 -3.50
N CYS A 29 -2.78 -2.02 -2.27
CA CYS A 29 -2.34 -1.06 -1.30
C CYS A 29 -0.85 -0.78 -1.53
N GLY A 30 -0.41 0.41 -1.13
CA GLY A 30 0.98 0.81 -1.31
C GLY A 30 1.91 0.17 -0.30
N TYR A 31 1.91 -1.14 -0.29
CA TYR A 31 2.74 -1.93 0.60
C TYR A 31 4.19 -2.12 0.12
N PRO A 32 4.42 -2.57 -1.17
CA PRO A 32 5.73 -2.97 -1.65
C PRO A 32 6.55 -1.86 -2.33
N TYR A 33 7.71 -2.25 -2.81
CA TYR A 33 8.68 -1.37 -3.42
C TYR A 33 8.41 -1.22 -4.92
N ASP A 34 7.73 -2.21 -5.49
CA ASP A 34 7.47 -2.29 -6.96
C ASP A 34 6.43 -1.31 -7.48
N VAL A 35 5.91 -0.48 -6.62
CA VAL A 35 5.02 0.55 -7.06
C VAL A 35 5.81 1.85 -7.25
N PRO A 36 5.77 2.47 -8.45
CA PRO A 36 6.57 3.67 -8.77
C PRO A 36 6.29 4.87 -7.85
N ASP A 37 5.13 4.87 -7.25
CA ASP A 37 4.66 5.92 -6.35
C ASP A 37 5.20 5.73 -4.93
N TYR A 38 6.02 4.72 -4.76
CA TYR A 38 6.63 4.43 -3.50
C TYR A 38 7.92 5.21 -3.37
N ALA A 39 8.02 5.96 -2.32
CA ALA A 39 9.21 6.67 -2.00
C ALA A 39 9.91 5.93 -0.86
N GLY A 1 11.31 3.93 2.57
CA GLY A 1 10.74 5.07 3.24
C GLY A 1 9.33 4.79 3.67
N GLY A 2 8.37 5.34 2.93
CA GLY A 2 6.96 5.14 3.22
C GLY A 2 6.47 3.79 2.76
N VAL A 3 7.04 2.76 3.32
CA VAL A 3 6.69 1.43 3.04
C VAL A 3 5.94 0.82 4.21
N CYS A 4 4.99 0.00 3.90
CA CYS A 4 4.21 -0.67 4.90
C CYS A 4 4.99 -1.85 5.45
N PRO A 5 4.91 -2.15 6.77
CA PRO A 5 5.56 -3.33 7.34
C PRO A 5 4.91 -4.63 6.84
N LYS A 6 3.72 -4.50 6.30
CA LYS A 6 2.98 -5.61 5.74
C LYS A 6 3.30 -5.76 4.25
N ILE A 7 2.90 -6.87 3.66
CA ILE A 7 3.23 -7.14 2.26
C ILE A 7 2.14 -6.65 1.33
N LEU A 8 2.34 -6.89 0.03
CA LEU A 8 1.39 -6.52 -1.02
C LEU A 8 -0.02 -7.02 -0.74
N GLN A 9 -0.90 -6.09 -0.57
CA GLN A 9 -2.28 -6.37 -0.30
C GLN A 9 -3.12 -5.60 -1.27
N ARG A 10 -4.26 -6.14 -1.60
CA ARG A 10 -5.21 -5.48 -2.47
C ARG A 10 -5.94 -4.43 -1.69
N CYS A 11 -6.51 -3.48 -2.34
CA CYS A 11 -7.22 -2.45 -1.65
C CYS A 11 -8.63 -2.33 -2.17
N ARG A 12 -9.55 -2.07 -1.28
CA ARG A 12 -10.90 -1.76 -1.67
C ARG A 12 -10.98 -0.24 -1.80
N ARG A 13 -10.42 0.40 -0.78
CA ARG A 13 -10.32 1.84 -0.66
C ARG A 13 -9.16 2.13 0.25
N ASP A 14 -8.89 3.39 0.51
CA ASP A 14 -7.73 3.77 1.33
C ASP A 14 -7.88 3.33 2.77
N SER A 15 -9.08 3.46 3.29
CA SER A 15 -9.41 3.06 4.66
C SER A 15 -9.32 1.53 4.82
N ASP A 16 -9.24 0.85 3.70
CA ASP A 16 -9.17 -0.60 3.67
C ASP A 16 -7.71 -1.07 3.84
N CYS A 17 -6.79 -0.16 3.63
CA CYS A 17 -5.39 -0.48 3.81
C CYS A 17 -4.96 0.07 5.17
N PRO A 18 -4.73 -0.81 6.15
CA PRO A 18 -4.37 -0.39 7.51
C PRO A 18 -2.93 0.09 7.57
N GLY A 19 -2.70 1.14 8.31
CA GLY A 19 -1.39 1.70 8.43
C GLY A 19 -1.23 2.86 7.49
N ALA A 20 0.00 3.21 7.18
CA ALA A 20 0.29 4.35 6.28
C ALA A 20 0.09 3.95 4.81
N CYS A 21 -0.65 2.90 4.62
CA CYS A 21 -0.88 2.33 3.34
C CYS A 21 -2.11 2.94 2.71
N ILE A 22 -2.03 3.33 1.48
CA ILE A 22 -3.16 3.90 0.76
C ILE A 22 -3.58 2.96 -0.36
N CYS A 23 -4.70 3.20 -0.96
CA CYS A 23 -5.17 2.40 -2.07
C CYS A 23 -4.67 3.00 -3.36
N ARG A 24 -4.03 2.20 -4.18
CA ARG A 24 -3.49 2.68 -5.42
C ARG A 24 -4.40 2.22 -6.56
N GLY A 25 -4.32 2.92 -7.68
CA GLY A 25 -5.19 2.67 -8.82
C GLY A 25 -5.01 1.30 -9.43
N ASN A 26 -3.87 0.70 -9.18
CA ASN A 26 -3.55 -0.62 -9.68
C ASN A 26 -4.38 -1.70 -8.99
N GLY A 27 -4.94 -1.37 -7.82
CA GLY A 27 -5.74 -2.34 -7.12
C GLY A 27 -5.08 -2.83 -5.86
N TYR A 28 -3.87 -2.38 -5.63
CA TYR A 28 -3.10 -2.74 -4.47
C TYR A 28 -2.93 -1.56 -3.55
N CYS A 29 -2.45 -1.82 -2.37
CA CYS A 29 -2.18 -0.77 -1.44
C CYS A 29 -0.81 -0.13 -1.76
N GLY A 30 -0.46 0.90 -1.01
CA GLY A 30 0.81 1.57 -1.15
C GLY A 30 1.98 0.64 -0.92
N TYR A 31 3.18 1.14 -1.23
CA TYR A 31 4.43 0.39 -1.21
C TYR A 31 4.59 -0.46 0.05
N PRO A 32 4.52 -1.78 -0.12
CA PRO A 32 4.64 -2.74 0.96
C PRO A 32 6.09 -3.02 1.37
N TYR A 33 6.25 -3.96 2.27
CA TYR A 33 7.55 -4.33 2.82
C TYR A 33 8.30 -5.24 1.86
N ASP A 34 7.57 -5.92 0.99
CA ASP A 34 8.19 -6.87 0.09
C ASP A 34 8.84 -6.21 -1.11
N VAL A 35 8.64 -4.91 -1.29
CA VAL A 35 9.28 -4.21 -2.40
C VAL A 35 10.59 -3.54 -1.94
N PRO A 36 11.75 -4.08 -2.36
CA PRO A 36 13.04 -3.54 -1.93
C PRO A 36 13.48 -2.31 -2.72
N ASP A 37 12.79 -2.01 -3.82
CA ASP A 37 13.17 -0.90 -4.69
C ASP A 37 12.71 0.45 -4.15
N TYR A 38 11.77 0.42 -3.24
CA TYR A 38 11.28 1.64 -2.63
C TYR A 38 11.63 1.57 -1.16
N ALA A 39 11.95 2.70 -0.57
CA ALA A 39 12.35 2.76 0.79
C ALA A 39 11.79 4.02 1.39
N GLY A 1 8.67 3.87 3.10
CA GLY A 1 7.85 5.00 3.49
C GLY A 1 6.42 4.59 3.68
N GLY A 2 5.56 4.94 2.72
CA GLY A 2 4.15 4.55 2.80
C GLY A 2 3.98 3.12 2.34
N VAL A 3 4.50 2.23 3.12
CA VAL A 3 4.56 0.86 2.82
C VAL A 3 3.61 0.04 3.65
N CYS A 4 3.33 -1.13 3.15
CA CYS A 4 2.56 -2.10 3.87
C CYS A 4 3.51 -3.19 4.35
N PRO A 5 3.51 -3.52 5.66
CA PRO A 5 4.40 -4.54 6.24
C PRO A 5 4.09 -5.95 5.73
N LYS A 6 2.95 -6.07 5.12
CA LYS A 6 2.49 -7.31 4.53
C LYS A 6 3.00 -7.41 3.09
N ILE A 7 2.44 -8.29 2.32
CA ILE A 7 2.78 -8.40 0.92
C ILE A 7 1.83 -7.52 0.11
N LEU A 8 1.89 -7.64 -1.19
CA LEU A 8 1.01 -6.91 -2.07
C LEU A 8 -0.47 -7.29 -1.82
N GLN A 9 -1.14 -6.49 -1.05
CA GLN A 9 -2.54 -6.73 -0.78
C GLN A 9 -3.39 -5.77 -1.56
N ARG A 10 -4.46 -6.29 -2.13
CA ARG A 10 -5.38 -5.50 -2.92
C ARG A 10 -6.19 -4.59 -2.01
N CYS A 11 -6.65 -3.50 -2.54
CA CYS A 11 -7.35 -2.52 -1.73
C CYS A 11 -8.74 -2.31 -2.27
N ARG A 12 -9.68 -2.25 -1.37
CA ARG A 12 -11.04 -1.95 -1.75
C ARG A 12 -11.24 -0.45 -1.66
N ARG A 13 -10.54 0.16 -0.71
CA ARG A 13 -10.60 1.59 -0.46
C ARG A 13 -9.43 1.99 0.42
N ASP A 14 -9.31 3.27 0.74
CA ASP A 14 -8.20 3.79 1.55
C ASP A 14 -8.23 3.21 2.95
N SER A 15 -9.39 3.29 3.60
CA SER A 15 -9.58 2.81 4.96
C SER A 15 -9.36 1.29 5.07
N ASP A 16 -9.46 0.63 3.94
CA ASP A 16 -9.26 -0.79 3.84
C ASP A 16 -7.78 -1.14 3.97
N CYS A 17 -6.94 -0.19 3.58
CA CYS A 17 -5.51 -0.35 3.70
C CYS A 17 -5.08 0.11 5.10
N PRO A 18 -4.35 -0.74 5.84
CA PRO A 18 -3.92 -0.43 7.20
C PRO A 18 -2.67 0.47 7.24
N GLY A 19 -2.63 1.33 8.24
CA GLY A 19 -1.47 2.17 8.46
C GLY A 19 -1.22 3.16 7.35
N ALA A 20 0.03 3.38 7.02
CA ALA A 20 0.45 4.38 6.04
C ALA A 20 0.26 3.88 4.60
N CYS A 21 -0.62 2.94 4.44
CA CYS A 21 -0.90 2.36 3.16
C CYS A 21 -1.98 3.12 2.44
N ILE A 22 -1.76 3.41 1.19
CA ILE A 22 -2.72 4.10 0.36
C ILE A 22 -3.22 3.18 -0.71
N CYS A 23 -4.45 3.31 -1.09
CA CYS A 23 -5.02 2.48 -2.13
C CYS A 23 -4.53 3.04 -3.48
N ARG A 24 -3.78 2.23 -4.17
CA ARG A 24 -3.19 2.62 -5.42
C ARG A 24 -4.15 2.30 -6.57
N GLY A 25 -3.96 2.98 -7.68
CA GLY A 25 -4.83 2.84 -8.83
C GLY A 25 -4.77 1.46 -9.45
N ASN A 26 -3.69 0.75 -9.21
CA ASN A 26 -3.52 -0.61 -9.72
C ASN A 26 -4.42 -1.59 -8.95
N GLY A 27 -4.92 -1.15 -7.82
CA GLY A 27 -5.81 -1.96 -7.05
C GLY A 27 -5.16 -2.54 -5.84
N TYR A 28 -3.94 -2.18 -5.60
CA TYR A 28 -3.21 -2.64 -4.44
C TYR A 28 -2.99 -1.52 -3.48
N CYS A 29 -2.69 -1.84 -2.26
CA CYS A 29 -2.36 -0.85 -1.28
C CYS A 29 -0.94 -0.35 -1.48
N GLY A 30 -0.51 0.55 -0.58
CA GLY A 30 0.85 1.07 -0.56
C GLY A 30 1.88 -0.03 -0.74
N TYR A 31 2.99 0.33 -1.36
CA TYR A 31 4.02 -0.61 -1.73
C TYR A 31 4.43 -1.51 -0.56
N PRO A 32 4.32 -2.81 -0.76
CA PRO A 32 4.57 -3.79 0.29
C PRO A 32 6.02 -3.85 0.76
N TYR A 33 6.22 -4.62 1.80
CA TYR A 33 7.52 -4.80 2.41
C TYR A 33 8.37 -5.75 1.57
N ASP A 34 7.70 -6.54 0.75
CA ASP A 34 8.41 -7.50 -0.09
C ASP A 34 9.10 -6.81 -1.26
N VAL A 35 8.80 -5.54 -1.49
CA VAL A 35 9.47 -4.78 -2.52
C VAL A 35 10.48 -3.79 -1.91
N PRO A 36 11.77 -3.97 -2.20
CA PRO A 36 12.84 -3.16 -1.62
C PRO A 36 13.01 -1.79 -2.27
N ASP A 37 12.34 -1.57 -3.38
CA ASP A 37 12.51 -0.33 -4.15
C ASP A 37 11.81 0.87 -3.50
N TYR A 38 10.93 0.62 -2.55
CA TYR A 38 10.23 1.71 -1.91
C TYR A 38 10.17 1.51 -0.41
N ALA A 39 10.28 2.62 0.30
CA ALA A 39 10.21 2.68 1.71
C ALA A 39 9.42 3.92 2.05
#